data_3K3B
#
_entry.id   3K3B
#
_cell.length_a   78.970
_cell.length_b   92.670
_cell.length_c   102.950
_cell.angle_alpha   90.00
_cell.angle_beta   90.00
_cell.angle_gamma   90.00
#
_symmetry.space_group_name_H-M   'P 21 21 21'
#
loop_
_entity.id
_entity.type
_entity.pdbx_description
1 polymer 'Kinesin-like protein KIF11'
2 non-polymer 'MAGNESIUM ION'
3 non-polymer "ADENOSINE-5'-DIPHOSPHATE"
4 non-polymer 3-[(1R)-2-acetyl-6-methyl-2,3,4,9-tetrahydro-1H-beta-carbolin-1-yl]phenol
5 non-polymer 'NITRATE ION'
6 non-polymer 'CHLORIDE ION'
7 non-polymer DI(HYDROXYETHYL)ETHER
8 water water
#
_entity_poly.entity_id   1
_entity_poly.type   'polypeptide(L)'
_entity_poly.pdbx_seq_one_letter_code
;MASQPNSSAKKKEEKGKNIQVVVRCRPFNLAERKASAHSIVECDPVRKEVSVRTGGLADKSSRKTYTFDMVFGASTKQID
VYRSVVCPILDEVIMGYNCTIFAYGQTGTGKTFTMEGERSPNEEYTWEEDPLAGIIPRTLHQIFEKLTDNGTEFSVKVSL
LEIYNEELFDLLNPSSDVSERLQMFDDPRNKRGVIIKGLEEITVHNKDEVYQILEKGAAKRTTAATLMNAYSSRSHSVFS
VTIHMKETTIDGEELVKIGKLNLVDLAGSENIGRSGAVDKRAREAGNINQSLLTLGRVITALVERTPHVPYRESKLTRIL
QDSLGGRTRTSIIATISPASLNLEETLSTLEYAHRAKNILNKPEVNQK
;
_entity_poly.pdbx_strand_id   A,B
#
loop_
_chem_comp.id
_chem_comp.type
_chem_comp.name
_chem_comp.formula
ADP non-polymer ADENOSINE-5'-DIPHOSPHATE 'C10 H15 N5 O10 P2'
CL non-polymer 'CHLORIDE ION' 'Cl -1'
L31 non-polymer 3-[(1R)-2-acetyl-6-methyl-2,3,4,9-tetrahydro-1H-beta-carbolin-1-yl]phenol 'C20 H20 N2 O2'
MG non-polymer 'MAGNESIUM ION' 'Mg 2'
NO3 non-polymer 'NITRATE ION' 'N O3 -1'
PEG non-polymer DI(HYDROXYETHYL)ETHER 'C4 H10 O3'
#
# COMPACT_ATOMS: atom_id res chain seq x y z
N GLY A 16 -14.50 -28.55 -5.53
CA GLY A 16 -15.32 -28.32 -6.72
C GLY A 16 -16.04 -29.59 -7.15
N LYS A 17 -17.05 -29.47 -8.03
CA LYS A 17 -17.56 -28.20 -8.52
C LYS A 17 -18.26 -27.35 -7.44
N ASN A 18 -18.27 -27.85 -6.20
CA ASN A 18 -18.89 -27.14 -5.08
C ASN A 18 -18.12 -25.91 -4.58
N ILE A 19 -16.84 -26.09 -4.24
CA ILE A 19 -15.93 -24.97 -3.99
C ILE A 19 -15.43 -24.45 -5.34
N GLN A 20 -15.77 -23.19 -5.61
CA GLN A 20 -15.32 -22.48 -6.80
C GLN A 20 -14.37 -21.37 -6.34
N VAL A 21 -13.18 -21.34 -6.94
CA VAL A 21 -12.19 -20.30 -6.66
C VAL A 21 -11.99 -19.51 -7.95
N VAL A 22 -12.35 -18.23 -7.91
CA VAL A 22 -12.21 -17.33 -9.05
C VAL A 22 -11.34 -16.15 -8.66
N VAL A 23 -10.74 -15.50 -9.66
CA VAL A 23 -9.86 -14.37 -9.43
C VAL A 23 -10.38 -13.15 -10.16
N ARG A 24 -10.44 -12.02 -9.45
CA ARG A 24 -10.79 -10.74 -10.05
C ARG A 24 -9.65 -9.75 -9.90
N CYS A 25 -9.06 -9.39 -11.04
CA CYS A 25 -8.07 -8.35 -11.10
C CYS A 25 -8.78 -7.03 -11.31
N ARG A 26 -8.35 -6.00 -10.58
CA ARG A 26 -8.90 -4.66 -10.72
C ARG A 26 -8.03 -3.82 -11.65
N PRO A 27 -8.55 -2.69 -12.15
CA PRO A 27 -7.71 -1.77 -12.94
C PRO A 27 -6.62 -1.16 -12.08
N PHE A 28 -5.64 -0.52 -12.73
CA PHE A 28 -4.65 0.29 -12.03
C PHE A 28 -5.36 1.33 -11.20
N ASN A 29 -4.79 1.66 -10.04
CA ASN A 29 -5.22 2.84 -9.28
C ASN A 29 -4.23 3.98 -9.50
N LEU A 30 -4.58 5.17 -9.02
CA LEU A 30 -3.74 6.35 -9.25
C LEU A 30 -2.38 6.24 -8.56
N ALA A 31 -2.34 5.61 -7.39
CA ALA A 31 -1.10 5.44 -6.65
C ALA A 31 -0.08 4.65 -7.45
N GLU A 32 -0.55 3.63 -8.15
CA GLU A 32 0.30 2.76 -8.96
C GLU A 32 0.82 3.46 -10.21
N ARG A 33 0.03 4.38 -10.74
CA ARG A 33 0.45 5.22 -11.87
C ARG A 33 1.57 6.16 -11.44
N LYS A 34 1.36 6.84 -10.32
CA LYS A 34 2.33 7.82 -9.81
C LYS A 34 3.61 7.16 -9.30
N ALA A 35 3.56 5.86 -9.04
CA ALA A 35 4.74 5.11 -8.62
C ALA A 35 5.42 4.48 -9.81
N SER A 36 4.87 4.75 -11.00
CA SER A 36 5.39 4.20 -12.23
C SER A 36 5.39 2.67 -12.18
N ALA A 37 4.33 2.10 -11.62
CA ALA A 37 4.15 0.65 -11.58
C ALA A 37 3.93 0.10 -12.99
N HIS A 38 4.31 -1.16 -13.19
CA HIS A 38 4.14 -1.83 -14.48
C HIS A 38 3.14 -2.97 -14.37
N SER A 39 2.41 -3.22 -15.46
CA SER A 39 1.44 -4.32 -15.51
C SER A 39 2.17 -5.66 -15.57
N ILE A 40 1.95 -6.47 -14.54
CA ILE A 40 2.62 -7.77 -14.42
C ILE A 40 1.63 -8.93 -14.44
N VAL A 41 0.34 -8.60 -14.48
CA VAL A 41 -0.71 -9.61 -14.49
C VAL A 41 -1.42 -9.68 -15.85
N GLU A 42 -1.53 -10.90 -16.36
CA GLU A 42 -2.34 -11.19 -17.54
C GLU A 42 -3.45 -12.16 -17.12
N CYS A 43 -4.69 -11.79 -17.42
CA CYS A 43 -5.85 -12.61 -17.09
C CYS A 43 -6.49 -13.16 -18.37
N ASP A 44 -6.38 -14.47 -18.55
CA ASP A 44 -7.01 -15.15 -19.69
C ASP A 44 -8.29 -15.85 -19.23
N PRO A 45 -9.45 -15.21 -19.46
CA PRO A 45 -10.74 -15.77 -19.02
C PRO A 45 -11.06 -17.13 -19.64
N VAL A 46 -10.69 -17.31 -20.90
CA VAL A 46 -11.02 -18.52 -21.66
C VAL A 46 -10.27 -19.75 -21.14
N ARG A 47 -8.97 -19.60 -20.91
CA ARG A 47 -8.15 -20.67 -20.36
C ARG A 47 -8.19 -20.64 -18.84
N LYS A 48 -8.82 -19.60 -18.29
CA LYS A 48 -9.03 -19.45 -16.85
C LYS A 48 -7.70 -19.36 -16.11
N GLU A 49 -6.73 -18.71 -16.73
CA GLU A 49 -5.40 -18.54 -16.15
C GLU A 49 -5.11 -17.11 -15.73
N VAL A 50 -4.23 -16.98 -14.74
CA VAL A 50 -3.66 -15.70 -14.36
C VAL A 50 -2.14 -15.85 -14.40
N SER A 51 -1.47 -14.94 -15.10
CA SER A 51 -0.01 -14.99 -15.22
C SER A 51 0.63 -13.75 -14.60
N VAL A 52 1.65 -14.00 -13.78
CA VAL A 52 2.39 -12.93 -13.11
C VAL A 52 3.83 -12.95 -13.57
N ARG A 53 4.26 -11.85 -14.19
CA ARG A 53 5.67 -11.64 -14.49
C ARG A 53 6.40 -11.45 -13.17
N THR A 54 7.31 -12.38 -12.85
CA THR A 54 8.15 -12.21 -11.68
C THR A 54 9.40 -11.46 -12.12
N GLY A 55 9.22 -10.66 -13.18
CA GLY A 55 10.28 -9.86 -13.74
C GLY A 55 10.94 -8.99 -12.68
N GLY A 56 12.07 -9.46 -12.17
CA GLY A 56 12.87 -8.72 -11.20
C GLY A 56 14.33 -8.78 -11.60
N LEU A 57 14.61 -8.32 -12.83
CA LEU A 57 15.89 -8.44 -13.52
C LEU A 57 15.81 -9.57 -14.55
N ALA A 58 14.67 -10.26 -14.58
CA ALA A 58 14.44 -11.38 -15.48
C ALA A 58 13.21 -11.15 -16.37
N ASP A 59 13.43 -11.17 -17.69
CA ASP A 59 12.35 -11.15 -18.69
C ASP A 59 12.79 -11.93 -19.94
N LYS A 60 11.85 -12.55 -20.67
CA LYS A 60 10.45 -12.69 -20.26
C LYS A 60 10.45 -13.52 -18.98
N SER A 61 11.62 -14.05 -18.65
CA SER A 61 11.81 -15.02 -17.59
C SER A 61 10.93 -14.75 -16.37
N SER A 62 10.45 -15.83 -15.77
CA SER A 62 9.53 -15.74 -14.64
C SER A 62 8.16 -15.20 -15.05
N ARG A 63 7.30 -16.11 -15.52
CA ARG A 63 5.87 -15.91 -15.55
C ARG A 63 5.32 -17.09 -14.76
N LYS A 64 4.63 -16.80 -13.66
CA LYS A 64 4.01 -17.85 -12.87
C LYS A 64 2.53 -17.90 -13.22
N THR A 65 2.08 -19.06 -13.68
CA THR A 65 0.71 -19.24 -14.11
C THR A 65 -0.11 -20.02 -13.09
N TYR A 66 -1.34 -19.54 -12.86
CA TYR A 66 -2.30 -20.23 -12.00
C TYR A 66 -3.58 -20.44 -12.79
N THR A 67 -4.26 -21.55 -12.52
CA THR A 67 -5.54 -21.85 -13.16
C THR A 67 -6.65 -21.88 -12.13
N PHE A 68 -7.79 -21.27 -12.46
CA PHE A 68 -8.91 -21.18 -11.55
C PHE A 68 -10.22 -21.54 -12.24
N ASP A 69 -11.29 -21.67 -11.46
CA ASP A 69 -12.61 -21.96 -11.99
C ASP A 69 -13.06 -20.85 -12.93
N MET A 70 -12.66 -19.62 -12.61
CA MET A 70 -12.92 -18.45 -13.45
C MET A 70 -11.86 -17.38 -13.20
N VAL A 71 -11.67 -16.49 -14.17
CA VAL A 71 -10.77 -15.35 -14.03
C VAL A 71 -11.41 -14.11 -14.64
N PHE A 72 -11.47 -13.04 -13.87
CA PHE A 72 -12.08 -11.78 -14.31
C PHE A 72 -11.02 -10.69 -14.46
N GLY A 73 -10.80 -10.25 -15.69
CA GLY A 73 -9.86 -9.19 -15.98
C GLY A 73 -10.27 -7.87 -15.33
N ALA A 74 -9.39 -6.87 -15.44
CA ALA A 74 -9.61 -5.58 -14.80
C ALA A 74 -10.84 -4.83 -15.31
N SER A 75 -11.36 -5.26 -16.47
CA SER A 75 -12.47 -4.60 -17.13
C SER A 75 -13.82 -5.27 -16.87
N THR A 76 -13.81 -6.35 -16.08
CA THR A 76 -15.04 -7.03 -15.69
C THR A 76 -15.93 -6.11 -14.90
N LYS A 77 -17.20 -6.03 -15.30
CA LYS A 77 -18.19 -5.17 -14.66
C LYS A 77 -18.88 -5.90 -13.51
N GLN A 78 -19.47 -5.13 -12.60
CA GLN A 78 -20.16 -5.68 -11.44
C GLN A 78 -21.21 -6.72 -11.83
N ILE A 79 -21.97 -6.42 -12.90
CA ILE A 79 -23.02 -7.33 -13.37
C ILE A 79 -22.45 -8.67 -13.87
N ASP A 80 -21.28 -8.63 -14.48
CA ASP A 80 -20.60 -9.82 -14.97
C ASP A 80 -20.23 -10.76 -13.82
N VAL A 81 -19.68 -10.18 -12.75
CA VAL A 81 -19.33 -10.95 -11.55
C VAL A 81 -20.57 -11.60 -10.94
N TYR A 82 -21.67 -10.84 -10.87
CA TYR A 82 -22.91 -11.36 -10.31
C TYR A 82 -23.42 -12.56 -11.09
N ARG A 83 -23.52 -12.40 -12.41
CA ARG A 83 -24.04 -13.44 -13.30
C ARG A 83 -23.23 -14.73 -13.24
N SER A 84 -21.91 -14.61 -13.27
CA SER A 84 -21.01 -15.77 -13.32
C SER A 84 -20.89 -16.47 -11.97
N VAL A 85 -20.81 -15.68 -10.90
CA VAL A 85 -20.51 -16.20 -9.56
C VAL A 85 -21.76 -16.38 -8.68
N VAL A 86 -22.58 -15.34 -8.61
CA VAL A 86 -23.68 -15.28 -7.63
C VAL A 86 -24.95 -16.03 -8.05
N CYS A 87 -25.36 -15.86 -9.32
CA CYS A 87 -26.57 -16.51 -9.83
C CYS A 87 -26.67 -18.01 -9.50
N PRO A 88 -25.64 -18.80 -9.83
CA PRO A 88 -25.71 -20.25 -9.57
C PRO A 88 -25.85 -20.54 -8.08
N ILE A 89 -25.16 -19.73 -7.28
CA ILE A 89 -25.19 -19.85 -5.82
C ILE A 89 -26.55 -19.43 -5.25
N LEU A 90 -27.14 -18.38 -5.79
CA LEU A 90 -28.43 -17.88 -5.31
C LEU A 90 -29.57 -18.87 -5.61
N ASP A 91 -29.50 -19.49 -6.79
CA ASP A 91 -30.46 -20.53 -7.17
C ASP A 91 -30.41 -21.65 -6.13
N GLU A 92 -29.19 -21.97 -5.68
CA GLU A 92 -28.94 -22.96 -4.64
C GLU A 92 -29.52 -22.53 -3.29
N VAL A 93 -29.33 -21.26 -2.95
CA VAL A 93 -29.88 -20.69 -1.72
C VAL A 93 -31.40 -20.77 -1.73
N ILE A 94 -32.00 -20.37 -2.86
CA ILE A 94 -33.46 -20.39 -3.01
C ILE A 94 -34.04 -21.80 -2.92
N MET A 95 -33.22 -22.80 -3.28
CA MET A 95 -33.63 -24.20 -3.20
C MET A 95 -33.69 -24.70 -1.76
N GLY A 96 -33.23 -23.86 -0.84
CA GLY A 96 -33.29 -24.17 0.58
C GLY A 96 -31.94 -24.52 1.18
N TYR A 97 -30.86 -24.22 0.46
CA TYR A 97 -29.51 -24.53 0.93
C TYR A 97 -28.78 -23.31 1.50
N ASN A 98 -27.60 -23.55 2.06
CA ASN A 98 -26.88 -22.55 2.85
C ASN A 98 -25.47 -22.32 2.32
N CYS A 99 -25.29 -21.19 1.64
CA CYS A 99 -24.05 -20.93 0.89
C CYS A 99 -23.22 -19.77 1.39
N THR A 100 -21.96 -19.72 0.95
CA THR A 100 -21.03 -18.67 1.33
C THR A 100 -20.23 -18.18 0.13
N ILE A 101 -20.12 -16.85 -0.01
CA ILE A 101 -19.22 -16.23 -0.96
C ILE A 101 -18.21 -15.34 -0.22
N PHE A 102 -16.93 -15.59 -0.45
CA PHE A 102 -15.87 -14.79 0.15
C PHE A 102 -15.31 -13.78 -0.84
N ALA A 103 -14.81 -12.68 -0.30
CA ALA A 103 -13.89 -11.81 -1.03
C ALA A 103 -12.58 -11.86 -0.25
N TYR A 104 -11.53 -12.32 -0.90
CA TYR A 104 -10.21 -12.43 -0.27
C TYR A 104 -9.16 -11.68 -1.07
N GLY A 105 -8.31 -10.94 -0.37
CA GLY A 105 -7.18 -10.29 -1.01
C GLY A 105 -6.58 -9.13 -0.24
N GLN A 106 -5.51 -8.57 -0.82
CA GLN A 106 -4.83 -7.41 -0.28
C GLN A 106 -5.77 -6.21 -0.21
N THR A 107 -5.59 -5.37 0.82
CA THR A 107 -6.37 -4.15 0.96
C THR A 107 -6.25 -3.31 -0.31
N GLY A 108 -7.39 -2.81 -0.79
CA GLY A 108 -7.42 -1.93 -1.94
C GLY A 108 -7.49 -2.61 -3.31
N THR A 109 -7.73 -3.91 -3.32
CA THR A 109 -7.83 -4.66 -4.58
C THR A 109 -9.27 -4.93 -5.01
N GLY A 110 -10.23 -4.61 -4.15
CA GLY A 110 -11.64 -4.63 -4.51
C GLY A 110 -12.55 -5.62 -3.81
N LYS A 111 -12.22 -5.96 -2.56
CA LYS A 111 -13.08 -6.83 -1.76
C LYS A 111 -14.45 -6.20 -1.51
N THR A 112 -14.45 -4.97 -1.00
CA THR A 112 -15.68 -4.24 -0.72
C THR A 112 -16.35 -3.78 -2.02
N PHE A 113 -15.56 -3.46 -3.03
CA PHE A 113 -16.10 -3.11 -4.33
C PHE A 113 -16.91 -4.26 -4.89
N THR A 114 -16.35 -5.47 -4.78
CA THR A 114 -17.03 -6.68 -5.24
C THR A 114 -18.26 -6.99 -4.38
N MET A 115 -18.08 -7.00 -3.07
CA MET A 115 -19.13 -7.42 -2.13
C MET A 115 -20.28 -6.44 -1.97
N GLU A 116 -19.96 -5.15 -2.03
CA GLU A 116 -20.93 -4.10 -1.71
C GLU A 116 -21.17 -3.18 -2.89
N GLY A 117 -20.10 -2.86 -3.60
CA GLY A 117 -20.16 -1.95 -4.73
C GLY A 117 -20.20 -0.51 -4.29
N GLU A 118 -20.58 0.36 -5.22
CA GLU A 118 -20.64 1.80 -4.98
C GLU A 118 -21.80 2.40 -5.74
N ARG A 119 -22.10 3.66 -5.47
CA ARG A 119 -23.09 4.40 -6.24
C ARG A 119 -22.38 5.15 -7.37
N SER A 120 -23.03 5.22 -8.53
CA SER A 120 -22.50 5.96 -9.67
C SER A 120 -22.64 7.47 -9.45
N PRO A 121 -21.75 8.27 -10.07
CA PRO A 121 -22.02 9.70 -10.26
C PRO A 121 -23.02 9.91 -11.41
N ASN A 122 -24.32 10.13 -11.13
CA ASN A 122 -24.94 10.43 -9.81
C ASN A 122 -25.67 11.77 -9.89
N GLU A 123 -26.92 11.86 -9.40
CA GLU A 123 -27.70 10.76 -8.82
C GLU A 123 -28.33 9.95 -9.96
N GLU A 124 -27.48 9.56 -10.91
CA GLU A 124 -27.90 9.09 -12.24
C GLU A 124 -28.76 7.82 -12.26
N TYR A 125 -28.47 6.90 -11.35
CA TYR A 125 -29.20 5.63 -11.29
C TYR A 125 -30.01 5.51 -9.99
N THR A 126 -31.03 4.65 -10.03
CA THR A 126 -31.60 4.09 -8.81
C THR A 126 -30.57 3.07 -8.31
N TRP A 127 -30.70 2.63 -7.05
CA TRP A 127 -29.76 1.67 -6.47
C TRP A 127 -29.88 0.27 -7.12
N GLU A 128 -31.04 0.00 -7.73
CA GLU A 128 -31.34 -1.29 -8.36
C GLU A 128 -30.80 -1.38 -9.80
N GLU A 129 -30.41 -0.24 -10.36
CA GLU A 129 -29.95 -0.17 -11.74
C GLU A 129 -28.49 0.28 -11.83
N ASP A 130 -27.96 0.75 -10.69
CA ASP A 130 -26.59 1.23 -10.61
C ASP A 130 -25.58 0.16 -11.03
N PRO A 131 -24.87 0.40 -12.15
CA PRO A 131 -23.89 -0.57 -12.66
C PRO A 131 -22.77 -0.86 -11.66
N LEU A 132 -22.55 0.05 -10.72
CA LEU A 132 -21.45 -0.09 -9.77
C LEU A 132 -21.83 -0.85 -8.50
N ALA A 133 -23.12 -1.12 -8.34
CA ALA A 133 -23.62 -1.94 -7.23
C ALA A 133 -22.92 -3.30 -7.20
N GLY A 134 -22.61 -3.78 -6.00
CA GLY A 134 -21.92 -5.04 -5.83
C GLY A 134 -22.84 -6.22 -5.57
N ILE A 135 -22.27 -7.29 -5.02
CA ILE A 135 -22.99 -8.55 -4.80
C ILE A 135 -24.14 -8.44 -3.80
N ILE A 136 -23.90 -7.80 -2.66
CA ILE A 136 -24.90 -7.70 -1.59
C ILE A 136 -26.22 -7.05 -2.06
N PRO A 137 -26.18 -5.80 -2.55
CA PRO A 137 -27.41 -5.16 -3.03
C PRO A 137 -28.06 -5.87 -4.22
N ARG A 138 -27.25 -6.40 -5.15
CA ARG A 138 -27.76 -7.14 -6.31
C ARG A 138 -28.51 -8.41 -5.90
N THR A 139 -27.96 -9.12 -4.91
CA THR A 139 -28.56 -10.34 -4.39
C THR A 139 -29.90 -10.04 -3.72
N LEU A 140 -29.94 -8.99 -2.91
CA LEU A 140 -31.15 -8.60 -2.20
C LEU A 140 -32.25 -8.20 -3.19
N HIS A 141 -31.88 -7.46 -4.23
CA HIS A 141 -32.81 -7.08 -5.28
C HIS A 141 -33.35 -8.30 -6.03
N GLN A 142 -32.47 -9.25 -6.33
CA GLN A 142 -32.85 -10.45 -7.07
C GLN A 142 -33.73 -11.41 -6.26
N ILE A 143 -33.47 -11.52 -4.96
CA ILE A 143 -34.30 -12.31 -4.06
C ILE A 143 -35.75 -11.84 -4.17
N PHE A 144 -35.94 -10.52 -4.14
CA PHE A 144 -37.27 -9.92 -4.19
C PHE A 144 -37.91 -10.04 -5.59
N GLU A 145 -37.09 -9.94 -6.63
CA GLU A 145 -37.57 -10.07 -8.00
C GLU A 145 -38.03 -11.50 -8.30
N LYS A 146 -37.14 -12.46 -8.05
CA LYS A 146 -37.40 -13.86 -8.34
C LYS A 146 -38.56 -14.44 -7.52
N LEU A 147 -38.53 -14.23 -6.21
CA LEU A 147 -39.54 -14.81 -5.32
C LEU A 147 -40.90 -14.10 -5.39
N THR A 148 -40.88 -12.79 -5.65
CA THR A 148 -42.12 -12.07 -5.95
C THR A 148 -42.71 -12.57 -7.26
N ASP A 149 -41.86 -12.76 -8.27
CA ASP A 149 -42.30 -13.09 -9.62
C ASP A 149 -42.99 -14.45 -9.75
N ASN A 150 -42.45 -15.47 -9.07
CA ASN A 150 -43.07 -16.81 -9.09
C ASN A 150 -44.04 -17.08 -7.94
N GLY A 151 -44.35 -16.05 -7.17
CA GLY A 151 -45.37 -16.13 -6.14
C GLY A 151 -45.06 -16.97 -4.92
N THR A 152 -43.78 -17.11 -4.59
CA THR A 152 -43.37 -17.77 -3.35
C THR A 152 -43.74 -16.87 -2.17
N GLU A 153 -44.23 -17.49 -1.11
CA GLU A 153 -44.47 -16.79 0.16
C GLU A 153 -43.17 -16.79 0.95
N PHE A 154 -42.57 -15.61 1.10
CA PHE A 154 -41.22 -15.51 1.64
C PHE A 154 -41.02 -14.32 2.57
N SER A 155 -40.05 -14.45 3.47
CA SER A 155 -39.60 -13.36 4.32
C SER A 155 -38.08 -13.28 4.30
N VAL A 156 -37.56 -12.07 4.16
CA VAL A 156 -36.13 -11.83 4.10
C VAL A 156 -35.67 -11.14 5.38
N LYS A 157 -34.62 -11.67 5.99
CA LYS A 157 -33.97 -11.01 7.10
C LYS A 157 -32.44 -11.02 6.95
N VAL A 158 -31.82 -9.94 7.41
CA VAL A 158 -30.38 -9.76 7.26
C VAL A 158 -29.70 -9.42 8.58
N SER A 159 -28.51 -9.97 8.77
CA SER A 159 -27.63 -9.57 9.86
C SER A 159 -26.30 -9.14 9.28
N LEU A 160 -25.59 -8.28 10.01
CA LEU A 160 -24.24 -7.88 9.64
C LEU A 160 -23.39 -7.79 10.90
N LEU A 161 -22.34 -8.60 10.94
CA LEU A 161 -21.38 -8.56 12.03
C LEU A 161 -19.97 -8.38 11.50
N GLU A 162 -19.15 -7.69 12.28
CA GLU A 162 -17.73 -7.55 11.97
C GLU A 162 -16.88 -8.26 13.01
N ILE A 163 -16.10 -9.23 12.57
CA ILE A 163 -15.07 -9.80 13.43
C ILE A 163 -13.87 -8.88 13.37
N TYR A 164 -13.54 -8.28 14.50
CA TYR A 164 -12.36 -7.43 14.63
C TYR A 164 -11.58 -7.79 15.88
N ASN A 165 -10.35 -8.26 15.67
CA ASN A 165 -9.45 -8.61 16.77
C ASN A 165 -9.98 -9.81 17.56
N GLU A 166 -10.69 -10.71 16.88
CA GLU A 166 -11.37 -11.84 17.54
C GLU A 166 -12.51 -11.40 18.45
N GLU A 167 -13.05 -10.22 18.22
CA GLU A 167 -14.28 -9.81 18.92
C GLU A 167 -15.39 -9.66 17.90
N LEU A 168 -16.62 -9.89 18.36
CA LEU A 168 -17.79 -9.83 17.49
C LEU A 168 -18.54 -8.52 17.71
N PHE A 169 -18.94 -7.89 16.61
CA PHE A 169 -19.66 -6.62 16.67
C PHE A 169 -20.86 -6.62 15.74
N ASP A 170 -22.00 -6.17 16.28
CA ASP A 170 -23.26 -6.15 15.57
C ASP A 170 -23.45 -4.78 14.91
N LEU A 171 -23.44 -4.77 13.58
CA LEU A 171 -23.48 -3.52 12.81
C LEU A 171 -24.90 -3.13 12.37
N LEU A 172 -25.88 -3.95 12.71
CA LEU A 172 -27.27 -3.67 12.39
C LEU A 172 -28.13 -3.43 13.63
N ASN A 173 -27.51 -3.45 14.81
CA ASN A 173 -28.21 -3.11 16.04
C ASN A 173 -28.27 -1.58 16.22
N PRO A 174 -29.49 -1.01 16.23
CA PRO A 174 -29.67 0.46 16.26
C PRO A 174 -29.31 1.07 17.61
N SER A 175 -29.76 0.41 18.69
CA SER A 175 -29.56 0.89 20.05
C SER A 175 -28.37 0.22 20.75
N SER A 176 -27.60 -0.55 19.98
CA SER A 176 -26.49 -1.34 20.51
C SER A 176 -25.34 -0.54 21.10
N ASP A 177 -24.73 0.30 20.27
CA ASP A 177 -23.42 0.93 20.51
C ASP A 177 -22.33 0.16 19.78
N VAL A 178 -21.33 0.88 19.25
CA VAL A 178 -20.23 0.26 18.50
C VAL A 178 -19.29 -0.58 19.37
N SER A 179 -19.22 -0.24 20.65
CA SER A 179 -18.25 -0.83 21.58
C SER A 179 -18.67 -2.18 22.18
N GLU A 180 -19.95 -2.50 22.10
CA GLU A 180 -20.45 -3.78 22.64
C GLU A 180 -20.05 -4.98 21.79
N ARG A 181 -19.49 -5.98 22.45
CA ARG A 181 -19.11 -7.22 21.81
C ARG A 181 -20.18 -8.29 22.03
N LEU A 182 -20.37 -9.13 21.03
CA LEU A 182 -21.36 -10.20 21.11
C LEU A 182 -20.73 -11.49 21.58
N GLN A 183 -21.54 -12.31 22.23
CA GLN A 183 -21.08 -13.61 22.72
C GLN A 183 -21.56 -14.71 21.78
N MET A 184 -20.76 -15.76 21.67
CA MET A 184 -21.05 -16.88 20.79
C MET A 184 -21.01 -18.17 21.58
N PHE A 185 -22.07 -18.98 21.43
CA PHE A 185 -22.15 -20.29 22.07
C PHE A 185 -22.32 -21.33 20.97
N ASP A 186 -22.08 -22.59 21.31
CA ASP A 186 -22.42 -23.70 20.43
C ASP A 186 -23.93 -23.89 20.46
N ASP A 187 -24.52 -24.33 19.34
CA ASP A 187 -25.96 -24.59 19.28
C ASP A 187 -26.29 -26.02 19.72
N PRO A 188 -27.02 -26.16 20.85
CA PRO A 188 -27.73 -27.42 21.06
C PRO A 188 -28.85 -27.46 20.03
N ARG A 189 -29.19 -28.65 19.51
CA ARG A 189 -30.10 -28.83 18.38
C ARG A 189 -29.37 -28.71 17.03
N ASN A 190 -28.05 -28.49 17.11
CA ASN A 190 -27.17 -28.32 15.94
C ASN A 190 -25.70 -28.14 16.31
N LYS A 191 -25.01 -29.25 16.63
CA LYS A 191 -23.55 -29.30 16.46
C LYS A 191 -23.35 -28.78 15.03
N ARG A 192 -22.24 -28.10 14.72
CA ARG A 192 -22.07 -27.46 13.42
C ARG A 192 -22.46 -26.00 13.42
N GLY A 193 -23.31 -25.65 14.37
CA GLY A 193 -23.89 -24.32 14.47
C GLY A 193 -23.38 -23.59 15.70
N VAL A 194 -23.66 -22.29 15.71
CA VAL A 194 -23.37 -21.44 16.86
C VAL A 194 -24.55 -20.51 17.08
N ILE A 195 -24.61 -19.93 18.27
CA ILE A 195 -25.59 -18.90 18.55
C ILE A 195 -24.82 -17.63 18.85
N ILE A 196 -25.07 -16.58 18.07
CA ILE A 196 -24.47 -15.29 18.34
C ILE A 196 -25.51 -14.44 19.08
N LYS A 197 -25.51 -14.60 20.40
CA LYS A 197 -26.50 -13.98 21.28
C LYS A 197 -26.69 -12.49 20.99
N GLY A 198 -27.93 -12.12 20.69
CA GLY A 198 -28.30 -10.73 20.52
C GLY A 198 -27.95 -10.14 19.17
N LEU A 199 -27.56 -10.99 18.22
CA LEU A 199 -27.28 -10.52 16.87
C LEU A 199 -28.57 -10.04 16.24
N GLU A 200 -28.58 -8.77 15.84
CA GLU A 200 -29.76 -8.15 15.24
C GLU A 200 -30.05 -8.77 13.88
N GLU A 201 -31.28 -9.26 13.72
CA GLU A 201 -31.74 -9.78 12.45
C GLU A 201 -32.92 -8.94 11.94
N ILE A 202 -32.58 -7.94 11.14
CA ILE A 202 -33.56 -7.00 10.58
C ILE A 202 -34.38 -7.69 9.49
N THR A 203 -35.69 -7.45 9.50
CA THR A 203 -36.57 -7.92 8.45
C THR A 203 -36.64 -6.90 7.32
N VAL A 204 -36.30 -7.34 6.11
CA VAL A 204 -36.44 -6.54 4.90
C VAL A 204 -37.82 -6.84 4.31
N HIS A 205 -38.79 -5.98 4.58
CA HIS A 205 -40.19 -6.23 4.23
C HIS A 205 -40.46 -6.14 2.73
N ASN A 206 -39.65 -5.33 2.04
CA ASN A 206 -39.71 -5.17 0.58
C ASN A 206 -38.41 -4.56 0.05
N LYS A 207 -38.19 -4.64 -1.27
CA LYS A 207 -36.94 -4.18 -1.90
C LYS A 207 -36.70 -2.68 -1.74
N ASP A 208 -37.70 -1.95 -1.26
CA ASP A 208 -37.59 -0.52 -1.03
C ASP A 208 -37.10 -0.21 0.38
N GLU A 209 -36.89 -1.27 1.17
CA GLU A 209 -36.32 -1.15 2.51
C GLU A 209 -34.82 -1.40 2.51
N VAL A 210 -34.36 -2.22 1.58
CA VAL A 210 -32.96 -2.66 1.53
C VAL A 210 -31.94 -1.53 1.57
N TYR A 211 -32.18 -0.44 0.83
CA TYR A 211 -31.19 0.63 0.74
C TYR A 211 -30.98 1.38 2.04
N GLN A 212 -32.07 1.70 2.74
CA GLN A 212 -31.98 2.36 4.04
C GLN A 212 -31.26 1.46 5.05
N ILE A 213 -31.53 0.16 4.96
CA ILE A 213 -30.90 -0.83 5.84
C ILE A 213 -29.39 -0.86 5.63
N LEU A 214 -28.98 -0.88 4.37
CA LEU A 214 -27.56 -0.95 4.02
C LEU A 214 -26.83 0.32 4.47
N GLU A 215 -27.49 1.46 4.28
CA GLU A 215 -26.96 2.75 4.71
C GLU A 215 -26.62 2.75 6.20
N LYS A 216 -27.56 2.33 7.03
CA LYS A 216 -27.37 2.26 8.48
C LYS A 216 -26.19 1.36 8.85
N GLY A 217 -26.15 0.18 8.24
CA GLY A 217 -25.07 -0.77 8.49
C GLY A 217 -23.71 -0.18 8.20
N ALA A 218 -23.62 0.53 7.06
CA ALA A 218 -22.39 1.21 6.66
C ALA A 218 -22.07 2.38 7.59
N ALA A 219 -23.10 3.02 8.13
CA ALA A 219 -22.94 4.13 9.07
C ALA A 219 -22.36 3.66 10.40
N LYS A 220 -22.88 2.54 10.91
CA LYS A 220 -22.41 1.97 12.17
C LYS A 220 -21.02 1.36 12.00
N ARG A 221 -20.70 0.96 10.77
CA ARG A 221 -19.36 0.49 10.42
C ARG A 221 -18.35 1.63 10.56
N THR A 222 -18.74 2.80 10.06
CA THR A 222 -17.90 4.00 10.12
C THR A 222 -17.67 4.45 11.56
N THR A 223 -18.70 4.32 12.41
CA THR A 223 -18.62 4.73 13.80
C THR A 223 -17.64 3.86 14.60
N ALA A 224 -17.69 2.55 14.33
CA ALA A 224 -16.81 1.60 15.01
C ALA A 224 -15.34 1.89 14.70
N ALA A 225 -15.06 2.27 13.46
CA ALA A 225 -13.72 2.62 13.01
C ALA A 225 -13.22 3.92 13.66
N THR A 226 -14.05 4.96 13.60
CA THR A 226 -13.71 6.27 14.17
C THR A 226 -13.39 6.19 15.66
N LEU A 227 -14.19 5.42 16.40
CA LEU A 227 -14.07 5.36 17.84
C LEU A 227 -13.16 4.22 18.32
N MET A 228 -13.52 2.98 18.01
CA MET A 228 -12.76 1.81 18.45
C MET A 228 -11.52 1.53 17.59
N ASN A 229 -11.22 2.42 16.65
CA ASN A 229 -10.12 2.23 15.70
C ASN A 229 -10.28 0.93 14.91
N ALA A 230 -11.52 0.45 14.82
CA ALA A 230 -11.83 -0.82 14.17
C ALA A 230 -11.94 -0.65 12.66
N TYR A 231 -10.79 -0.61 11.99
CA TYR A 231 -10.74 -0.41 10.55
C TYR A 231 -11.21 -1.64 9.80
N SER A 232 -12.11 -1.41 8.84
CA SER A 232 -12.65 -2.48 7.99
C SER A 232 -11.52 -3.18 7.25
N SER A 233 -10.39 -2.49 7.12
CA SER A 233 -9.18 -3.03 6.51
C SER A 233 -8.69 -4.27 7.27
N ARG A 234 -8.93 -4.29 8.59
CA ARG A 234 -8.41 -5.33 9.47
C ARG A 234 -9.52 -6.11 10.16
N SER A 235 -10.69 -6.15 9.54
CA SER A 235 -11.82 -6.88 10.12
C SER A 235 -12.55 -7.68 9.06
N HIS A 236 -13.20 -8.76 9.49
CA HIS A 236 -14.06 -9.52 8.62
C HIS A 236 -15.49 -8.98 8.71
N SER A 237 -16.12 -8.83 7.55
CA SER A 237 -17.52 -8.43 7.46
C SER A 237 -18.34 -9.62 7.00
N VAL A 238 -19.31 -10.02 7.82
CA VAL A 238 -20.21 -11.11 7.47
C VAL A 238 -21.63 -10.58 7.33
N PHE A 239 -22.06 -10.44 6.07
CA PHE A 239 -23.43 -10.07 5.77
C PHE A 239 -24.22 -11.34 5.46
N SER A 240 -25.15 -11.67 6.37
CA SER A 240 -25.98 -12.85 6.22
C SER A 240 -27.41 -12.47 5.82
N VAL A 241 -27.94 -13.19 4.84
CA VAL A 241 -29.35 -13.06 4.46
C VAL A 241 -30.03 -14.43 4.54
N THR A 242 -31.09 -14.49 5.35
CA THR A 242 -31.88 -15.71 5.51
C THR A 242 -33.24 -15.52 4.84
N ILE A 243 -33.62 -16.49 4.02
CA ILE A 243 -34.91 -16.45 3.33
C ILE A 243 -35.78 -17.64 3.75
N HIS A 244 -36.97 -17.32 4.24
CA HIS A 244 -37.98 -18.33 4.56
C HIS A 244 -38.96 -18.42 3.40
N MET A 245 -39.12 -19.62 2.85
CA MET A 245 -39.92 -19.79 1.64
C MET A 245 -40.96 -20.88 1.75
N LYS A 246 -42.22 -20.49 1.59
CA LYS A 246 -43.27 -21.46 1.32
C LYS A 246 -43.74 -21.32 -0.12
N GLU A 247 -43.70 -22.45 -0.82
CA GLU A 247 -43.96 -22.51 -2.25
C GLU A 247 -45.08 -23.51 -2.48
N THR A 248 -46.13 -23.05 -3.16
CA THR A 248 -47.35 -23.84 -3.32
C THR A 248 -47.87 -23.90 -4.76
N THR A 249 -48.13 -25.13 -5.22
CA THR A 249 -48.72 -25.40 -6.53
C THR A 249 -49.87 -26.38 -6.35
N ILE A 250 -51.03 -26.03 -6.90
CA ILE A 250 -52.18 -26.92 -6.90
C ILE A 250 -51.87 -28.08 -7.83
N ASP A 251 -52.13 -29.29 -7.34
CA ASP A 251 -51.78 -30.52 -8.06
C ASP A 251 -50.28 -30.61 -8.32
N GLY A 252 -49.53 -29.86 -7.54
CA GLY A 252 -48.08 -29.92 -7.57
C GLY A 252 -47.54 -30.17 -6.18
N GLU A 253 -46.48 -29.43 -5.82
CA GLU A 253 -45.77 -29.67 -4.57
C GLU A 253 -45.86 -28.50 -3.59
N GLU A 254 -45.81 -28.83 -2.30
CA GLU A 254 -45.78 -27.85 -1.22
C GLU A 254 -44.43 -27.89 -0.52
N LEU A 255 -43.61 -26.88 -0.78
CA LEU A 255 -42.23 -26.87 -0.30
C LEU A 255 -41.97 -25.74 0.68
N VAL A 256 -41.52 -26.11 1.89
CA VAL A 256 -41.06 -25.16 2.88
C VAL A 256 -39.55 -25.23 2.95
N LYS A 257 -38.91 -24.15 2.51
CA LYS A 257 -37.45 -24.08 2.44
C LYS A 257 -36.92 -22.89 3.24
N ILE A 258 -35.67 -23.02 3.70
CA ILE A 258 -34.95 -21.90 4.29
C ILE A 258 -33.56 -21.82 3.63
N GLY A 259 -33.36 -20.76 2.84
CA GLY A 259 -32.09 -20.52 2.20
C GLY A 259 -31.27 -19.55 3.01
N LYS A 260 -29.94 -19.71 2.97
CA LYS A 260 -29.05 -18.79 3.66
C LYS A 260 -27.82 -18.48 2.81
N LEU A 261 -27.53 -17.19 2.68
CA LEU A 261 -26.34 -16.74 1.96
C LEU A 261 -25.51 -15.81 2.83
N ASN A 262 -24.26 -16.21 3.04
CA ASN A 262 -23.28 -15.38 3.75
C ASN A 262 -22.34 -14.74 2.74
N LEU A 263 -22.20 -13.43 2.82
CA LEU A 263 -21.36 -12.69 1.89
C LEU A 263 -20.23 -12.05 2.69
N VAL A 264 -19.09 -12.74 2.72
CA VAL A 264 -17.98 -12.37 3.56
C VAL A 264 -16.98 -11.48 2.83
N ASP A 265 -16.73 -10.31 3.41
CA ASP A 265 -15.67 -9.42 2.98
C ASP A 265 -14.56 -9.52 4.01
N LEU A 266 -13.51 -10.26 3.67
CA LEU A 266 -12.45 -10.59 4.60
C LEU A 266 -11.50 -9.43 4.90
N ALA A 267 -10.78 -9.56 6.02
CA ALA A 267 -9.71 -8.63 6.37
C ALA A 267 -8.61 -8.71 5.31
N GLY A 268 -7.91 -7.60 5.10
CA GLY A 268 -6.83 -7.55 4.14
C GLY A 268 -5.86 -8.70 4.31
N SER A 269 -5.51 -9.36 3.20
CA SER A 269 -4.63 -10.52 3.24
C SER A 269 -3.17 -10.13 3.48
N GLU A 270 -2.88 -8.82 3.41
CA GLU A 270 -1.53 -8.32 3.59
CA GLU A 270 -1.52 -8.31 3.59
C GLU A 270 -1.09 -8.38 5.06
N ALA A 285 -3.57 -8.54 15.27
CA ALA A 285 -3.05 -8.68 13.92
C ALA A 285 -2.58 -10.12 13.63
N GLY A 286 -2.22 -10.85 14.68
CA GLY A 286 -1.93 -12.27 14.57
C GLY A 286 -3.21 -13.10 14.51
N ASN A 287 -4.32 -12.47 14.89
CA ASN A 287 -5.65 -13.09 14.86
C ASN A 287 -6.26 -13.05 13.45
N ILE A 288 -5.74 -12.15 12.61
CA ILE A 288 -6.11 -12.08 11.20
C ILE A 288 -5.35 -13.14 10.41
N ASN A 289 -4.05 -13.24 10.62
CA ASN A 289 -3.22 -14.25 9.97
C ASN A 289 -3.73 -15.65 10.27
N GLN A 290 -3.97 -15.92 11.54
CA GLN A 290 -4.44 -17.22 12.00
C GLN A 290 -5.82 -17.55 11.46
N SER A 291 -6.73 -16.58 11.48
CA SER A 291 -8.11 -16.78 11.04
C SER A 291 -8.19 -16.99 9.53
N LEU A 292 -7.39 -16.23 8.77
CA LEU A 292 -7.38 -16.35 7.32
C LEU A 292 -6.70 -17.66 6.88
N LEU A 293 -5.68 -18.07 7.62
CA LEU A 293 -4.99 -19.33 7.34
C LEU A 293 -5.83 -20.54 7.75
N THR A 294 -6.55 -20.39 8.86
CA THR A 294 -7.51 -21.41 9.29
C THR A 294 -8.60 -21.57 8.22
N LEU A 295 -9.08 -20.45 7.68
CA LEU A 295 -10.07 -20.47 6.61
C LEU A 295 -9.54 -21.23 5.40
N GLY A 296 -8.29 -20.95 5.05
CA GLY A 296 -7.63 -21.61 3.93
C GLY A 296 -7.60 -23.12 4.11
N ARG A 297 -7.41 -23.56 5.36
CA ARG A 297 -7.32 -24.97 5.69
C ARG A 297 -8.69 -25.65 5.69
N VAL A 298 -9.72 -24.93 6.14
CA VAL A 298 -11.10 -25.41 6.06
C VAL A 298 -11.44 -25.71 4.60
N ILE A 299 -11.18 -24.74 3.72
CA ILE A 299 -11.47 -24.86 2.29
C ILE A 299 -10.74 -26.05 1.66
N THR A 300 -9.42 -26.11 1.83
CA THR A 300 -8.61 -27.19 1.26
C THR A 300 -9.10 -28.56 1.72
N ALA A 301 -9.42 -28.67 3.01
CA ALA A 301 -9.91 -29.91 3.59
C ALA A 301 -11.24 -30.35 2.97
N LEU A 302 -12.10 -29.38 2.67
CA LEU A 302 -13.37 -29.65 2.02
C LEU A 302 -13.18 -30.12 0.58
N VAL A 303 -12.27 -29.45 -0.14
CA VAL A 303 -11.91 -29.78 -1.52
C VAL A 303 -11.23 -31.14 -1.56
N GLU A 304 -10.15 -31.28 -0.78
CA GLU A 304 -9.46 -32.55 -0.64
C GLU A 304 -10.37 -33.69 -0.08
N ARG A 305 -11.50 -33.33 0.56
CA ARG A 305 -12.38 -34.28 1.27
C ARG A 305 -11.62 -35.00 2.44
N THR A 306 -10.65 -34.30 3.05
CA THR A 306 -9.95 -34.76 4.26
C THR A 306 -10.95 -34.84 5.42
N PRO A 307 -10.87 -35.91 6.22
CA PRO A 307 -11.88 -36.12 7.26
C PRO A 307 -11.84 -35.00 8.29
N HIS A 308 -10.65 -34.46 8.54
CA HIS A 308 -10.47 -33.38 9.50
C HIS A 308 -10.52 -32.02 8.81
N VAL A 309 -11.50 -31.20 9.22
CA VAL A 309 -11.58 -29.81 8.81
C VAL A 309 -11.66 -28.90 10.05
N PRO A 310 -10.68 -27.99 10.21
CA PRO A 310 -10.45 -27.28 11.48
C PRO A 310 -11.38 -26.09 11.72
N TYR A 311 -12.69 -26.33 11.72
CA TYR A 311 -13.67 -25.26 11.96
C TYR A 311 -13.41 -24.50 13.26
N ARG A 312 -13.17 -25.24 14.33
CA ARG A 312 -13.06 -24.69 15.69
C ARG A 312 -11.94 -23.68 15.87
N GLU A 313 -10.99 -23.65 14.94
CA GLU A 313 -9.70 -23.00 15.15
C GLU A 313 -9.71 -21.47 15.01
N SER A 314 -10.79 -20.94 14.44
CA SER A 314 -10.99 -19.49 14.37
C SER A 314 -12.48 -19.19 14.53
N LYS A 315 -12.80 -17.98 14.99
CA LYS A 315 -14.18 -17.58 15.15
C LYS A 315 -14.89 -17.46 13.81
N LEU A 316 -14.16 -17.03 12.79
CA LEU A 316 -14.69 -16.87 11.44
C LEU A 316 -15.26 -18.19 10.91
N THR A 317 -14.47 -19.26 11.02
CA THR A 317 -14.84 -20.55 10.46
C THR A 317 -15.86 -21.32 11.30
N ARG A 318 -15.92 -21.04 12.61
CA ARG A 318 -16.96 -21.62 13.45
C ARG A 318 -18.31 -20.96 13.16
N ILE A 319 -18.29 -19.64 12.98
CA ILE A 319 -19.48 -18.89 12.59
C ILE A 319 -20.04 -19.41 11.26
N LEU A 320 -19.14 -19.78 10.35
CA LEU A 320 -19.54 -20.17 9.00
C LEU A 320 -19.58 -21.68 8.77
N GLN A 321 -19.28 -22.46 9.80
CA GLN A 321 -19.23 -23.92 9.68
C GLN A 321 -20.49 -24.51 9.03
N ASP A 322 -21.65 -23.97 9.40
CA ASP A 322 -22.93 -24.51 8.91
C ASP A 322 -23.11 -24.27 7.42
N SER A 323 -22.45 -23.24 6.89
CA SER A 323 -22.58 -22.87 5.49
C SER A 323 -21.42 -23.39 4.64
N LEU A 324 -20.65 -24.36 5.16
CA LEU A 324 -19.40 -24.75 4.49
C LEU A 324 -19.28 -26.20 4.01
N GLY A 325 -19.40 -27.17 4.91
CA GLY A 325 -19.22 -28.58 4.53
C GLY A 325 -19.93 -28.97 3.25
N GLY A 326 -21.24 -28.72 3.22
CA GLY A 326 -22.12 -29.14 2.12
C GLY A 326 -23.38 -29.82 2.65
N ARG A 327 -24.35 -30.16 1.80
CA ARG A 327 -24.37 -29.83 0.37
C ARG A 327 -24.54 -28.32 0.21
N THR A 328 -23.44 -27.67 -0.13
CA THR A 328 -23.40 -26.22 -0.23
C THR A 328 -22.48 -25.77 -1.36
N ARG A 329 -22.83 -24.64 -1.96
CA ARG A 329 -21.93 -23.98 -2.88
C ARG A 329 -21.13 -22.92 -2.14
N THR A 330 -19.81 -23.00 -2.29
CA THR A 330 -18.89 -22.02 -1.74
C THR A 330 -18.09 -21.43 -2.89
N SER A 331 -17.93 -20.11 -2.87
CA SER A 331 -17.14 -19.41 -3.85
C SER A 331 -16.19 -18.42 -3.19
N ILE A 332 -14.92 -18.47 -3.60
CA ILE A 332 -13.93 -17.49 -3.16
C ILE A 332 -13.55 -16.59 -4.33
N ILE A 333 -13.81 -15.30 -4.18
CA ILE A 333 -13.33 -14.30 -5.14
C ILE A 333 -12.03 -13.72 -4.59
N ALA A 334 -10.91 -14.21 -5.12
CA ALA A 334 -9.59 -13.69 -4.77
C ALA A 334 -9.33 -12.44 -5.61
N THR A 335 -9.14 -11.33 -4.91
CA THR A 335 -8.94 -10.04 -5.57
C THR A 335 -7.47 -9.68 -5.63
N ILE A 336 -7.02 -9.25 -6.81
CA ILE A 336 -5.62 -8.85 -7.00
C ILE A 336 -5.49 -7.52 -7.72
N SER A 337 -4.36 -6.85 -7.48
CA SER A 337 -3.96 -5.67 -8.22
C SER A 337 -3.16 -6.09 -9.45
N PRO A 338 -3.15 -5.27 -10.52
CA PRO A 338 -2.37 -5.64 -11.70
C PRO A 338 -0.94 -5.10 -11.67
N ALA A 339 -0.62 -4.30 -10.65
CA ALA A 339 0.61 -3.53 -10.63
C ALA A 339 1.79 -4.24 -9.99
N SER A 340 2.98 -4.00 -10.55
CA SER A 340 4.22 -4.55 -10.05
C SER A 340 4.49 -4.12 -8.61
N LEU A 341 3.96 -2.96 -8.24
CA LEU A 341 4.12 -2.41 -6.90
C LEU A 341 3.64 -3.39 -5.83
N ASN A 342 2.72 -4.27 -6.23
CA ASN A 342 2.09 -5.21 -5.31
C ASN A 342 2.35 -6.68 -5.66
N LEU A 343 3.48 -6.94 -6.31
CA LEU A 343 3.87 -8.29 -6.73
C LEU A 343 3.78 -9.30 -5.58
N GLU A 344 4.37 -8.96 -4.45
CA GLU A 344 4.47 -9.87 -3.30
C GLU A 344 3.10 -10.29 -2.77
N GLU A 345 2.22 -9.32 -2.57
CA GLU A 345 0.88 -9.57 -2.05
C GLU A 345 -0.05 -10.25 -3.06
N THR A 346 0.18 -9.98 -4.35
CA THR A 346 -0.59 -10.61 -5.43
C THR A 346 -0.24 -12.10 -5.53
N LEU A 347 1.05 -12.42 -5.53
CA LEU A 347 1.51 -13.80 -5.51
C LEU A 347 1.03 -14.51 -4.25
N SER A 348 1.10 -13.81 -3.12
CA SER A 348 0.57 -14.30 -1.85
C SER A 348 -0.90 -14.69 -1.98
N THR A 349 -1.70 -13.78 -2.54
CA THR A 349 -3.13 -14.02 -2.77
C THR A 349 -3.38 -15.21 -3.70
N LEU A 350 -2.64 -15.27 -4.80
CA LEU A 350 -2.78 -16.35 -5.77
C LEU A 350 -2.33 -17.70 -5.20
N GLU A 351 -1.26 -17.68 -4.40
CA GLU A 351 -0.82 -18.87 -3.68
C GLU A 351 -1.90 -19.37 -2.74
N TYR A 352 -2.46 -18.45 -1.95
CA TYR A 352 -3.55 -18.76 -1.03
C TYR A 352 -4.70 -19.43 -1.77
N ALA A 353 -5.20 -18.77 -2.82
CA ALA A 353 -6.29 -19.29 -3.64
C ALA A 353 -5.97 -20.67 -4.21
N HIS A 354 -4.73 -20.84 -4.65
CA HIS A 354 -4.28 -22.11 -5.23
C HIS A 354 -4.16 -23.20 -4.17
N ARG A 355 -3.80 -22.80 -2.95
CA ARG A 355 -3.74 -23.72 -1.81
C ARG A 355 -5.14 -24.23 -1.47
N ALA A 356 -6.11 -23.32 -1.47
CA ALA A 356 -7.50 -23.62 -1.16
C ALA A 356 -8.08 -24.70 -2.08
N LYS A 357 -7.93 -24.53 -3.39
CA LYS A 357 -8.39 -25.51 -4.37
C LYS A 357 -7.35 -25.75 -5.46
N ASN A 358 -6.66 -26.89 -5.40
CA ASN A 358 -5.57 -27.16 -6.32
C ASN A 358 -6.01 -27.47 -7.75
N ILE A 359 -6.24 -26.42 -8.54
CA ILE A 359 -6.52 -26.56 -9.97
C ILE A 359 -5.20 -26.59 -10.74
N LEU A 360 -5.07 -27.56 -11.64
CA LEU A 360 -3.81 -27.76 -12.37
C LEU A 360 -3.73 -26.96 -13.66
N ASN A 361 -2.54 -26.45 -13.94
CA ASN A 361 -2.26 -25.80 -15.22
C ASN A 361 -2.37 -26.83 -16.35
N LYS A 362 -3.10 -26.47 -17.40
CA LYS A 362 -3.23 -27.31 -18.58
C LYS A 362 -2.15 -26.92 -19.59
N PRO A 363 -1.88 -27.79 -20.59
CA PRO A 363 -0.97 -27.43 -21.69
C PRO A 363 -1.52 -26.30 -22.56
N GLU A 364 -0.63 -25.41 -23.02
CA GLU A 364 -0.99 -24.31 -23.92
C GLU A 364 -0.92 -24.76 -25.38
N GLY B 16 26.39 16.62 17.60
CA GLY B 16 25.22 15.77 17.69
C GLY B 16 24.12 16.18 16.73
N LYS B 17 24.10 17.47 16.41
CA LYS B 17 23.13 18.02 15.45
C LYS B 17 23.66 17.93 14.01
N ASN B 18 24.66 17.08 13.81
CA ASN B 18 25.14 16.71 12.48
C ASN B 18 24.09 15.85 11.75
N ILE B 19 23.66 14.77 12.41
CA ILE B 19 22.54 13.95 11.94
C ILE B 19 21.23 14.59 12.45
N GLN B 20 20.47 15.18 11.52
CA GLN B 20 19.14 15.70 11.84
C GLN B 20 18.10 14.76 11.23
N VAL B 21 17.07 14.43 11.99
CA VAL B 21 15.97 13.58 11.53
C VAL B 21 14.67 14.38 11.58
N VAL B 22 14.13 14.70 10.41
CA VAL B 22 12.86 15.43 10.31
C VAL B 22 11.79 14.52 9.73
N VAL B 23 10.53 14.87 9.95
CA VAL B 23 9.41 14.16 9.37
C VAL B 23 8.59 15.10 8.51
N ARG B 24 8.28 14.65 7.29
CA ARG B 24 7.34 15.36 6.43
C ARG B 24 6.13 14.48 6.15
N CYS B 25 4.98 14.88 6.71
CA CYS B 25 3.71 14.26 6.42
C CYS B 25 3.09 14.94 5.20
N ARG B 26 2.62 14.13 4.26
CA ARG B 26 1.96 14.64 3.06
C ARG B 26 0.45 14.82 3.32
N PRO B 27 -0.25 15.58 2.46
CA PRO B 27 -1.70 15.68 2.59
C PRO B 27 -2.37 14.38 2.19
N PHE B 28 -3.65 14.24 2.50
CA PHE B 28 -4.43 13.10 2.05
C PHE B 28 -4.41 13.01 0.53
N ASN B 29 -4.51 11.80 0.00
CA ASN B 29 -4.73 11.60 -1.43
C ASN B 29 -6.17 11.17 -1.69
N LEU B 30 -6.56 11.17 -2.97
CA LEU B 30 -7.94 10.90 -3.36
C LEU B 30 -8.43 9.51 -2.93
N ALA B 31 -7.51 8.55 -2.85
CA ALA B 31 -7.85 7.17 -2.49
C ALA B 31 -8.10 6.98 -0.99
N GLU B 32 -7.34 7.74 -0.19
CA GLU B 32 -7.50 7.73 1.26
C GLU B 32 -8.82 8.40 1.64
N ARG B 33 -9.17 9.47 0.93
CA ARG B 33 -10.46 10.15 1.11
C ARG B 33 -11.62 9.27 0.68
N LYS B 34 -11.48 8.62 -0.48
CA LYS B 34 -12.52 7.73 -1.00
C LYS B 34 -12.79 6.56 -0.05
N ALA B 35 -11.74 6.11 0.63
CA ALA B 35 -11.87 5.07 1.64
C ALA B 35 -12.21 5.69 2.99
N SER B 36 -12.80 6.89 2.94
CA SER B 36 -13.15 7.66 4.14
C SER B 36 -12.14 7.43 5.26
N ALA B 37 -10.86 7.44 4.88
CA ALA B 37 -9.77 7.17 5.81
C ALA B 37 -9.71 8.19 6.93
N HIS B 38 -9.17 7.78 8.07
CA HIS B 38 -9.09 8.62 9.25
C HIS B 38 -7.68 9.15 9.46
N SER B 39 -7.58 10.46 9.63
CA SER B 39 -6.32 11.09 10.05
C SER B 39 -6.00 10.62 11.46
N ILE B 40 -4.92 9.87 11.57
CA ILE B 40 -4.48 9.24 12.80
C ILE B 40 -3.10 9.77 13.17
N VAL B 41 -2.64 10.72 12.38
CA VAL B 41 -1.32 11.33 12.53
C VAL B 41 -1.47 12.81 12.87
N GLU B 42 -0.83 13.23 13.95
CA GLU B 42 -0.79 14.64 14.32
C GLU B 42 0.64 15.16 14.36
N CYS B 43 0.86 16.22 13.59
CA CYS B 43 2.16 16.87 13.50
C CYS B 43 2.15 18.16 14.31
N ASP B 44 3.11 18.26 15.23
CA ASP B 44 3.27 19.45 16.06
C ASP B 44 4.66 20.06 15.79
N PRO B 45 4.73 21.00 14.83
CA PRO B 45 6.03 21.61 14.47
C PRO B 45 6.69 22.37 15.63
N VAL B 46 5.87 22.95 16.50
CA VAL B 46 6.35 23.78 17.60
C VAL B 46 7.08 22.93 18.65
N ARG B 47 6.48 21.80 19.02
CA ARG B 47 7.08 20.88 19.97
C ARG B 47 7.93 19.83 19.24
N LYS B 48 7.87 19.84 17.91
CA LYS B 48 8.56 18.85 17.07
C LYS B 48 8.14 17.42 17.39
N GLU B 49 6.82 17.22 17.47
CA GLU B 49 6.25 15.90 17.73
C GLU B 49 5.23 15.43 16.70
N VAL B 50 5.34 14.15 16.36
CA VAL B 50 4.32 13.44 15.61
C VAL B 50 3.76 12.34 16.52
N SER B 51 2.45 12.35 16.68
CA SER B 51 1.75 11.40 17.53
C SER B 51 0.78 10.56 16.70
N VAL B 52 0.67 9.29 17.05
CA VAL B 52 -0.13 8.35 16.28
C VAL B 52 -1.20 7.71 17.16
N ARG B 53 -2.43 7.71 16.64
CA ARG B 53 -3.58 7.11 17.31
C ARG B 53 -3.51 5.60 17.17
N THR B 54 -3.35 4.90 18.30
CA THR B 54 -3.31 3.44 18.32
C THR B 54 -4.66 2.88 18.80
N ASP B 59 -9.99 2.73 22.07
CA ASP B 59 -9.19 3.96 22.12
C ASP B 59 -9.24 4.72 23.44
N LYS B 60 -8.23 4.51 24.29
CA LYS B 60 -7.83 5.55 25.23
C LYS B 60 -7.31 6.70 24.36
N SER B 61 -7.62 6.60 23.08
CA SER B 61 -6.86 7.25 22.01
C SER B 61 -5.36 7.07 22.26
N SER B 62 -5.00 5.89 22.78
CA SER B 62 -3.60 5.54 23.03
C SER B 62 -2.77 6.21 21.97
N ARG B 63 -1.77 6.97 22.43
CA ARG B 63 -0.94 7.76 21.53
C ARG B 63 0.52 7.43 21.69
N LYS B 64 1.14 7.02 20.58
CA LYS B 64 2.58 6.94 20.52
C LYS B 64 3.10 8.29 20.05
N THR B 65 4.01 8.87 20.84
CA THR B 65 4.58 10.18 20.52
C THR B 65 6.07 10.05 20.24
N TYR B 66 6.48 10.56 19.08
CA TYR B 66 7.88 10.61 18.70
C TYR B 66 8.30 12.07 18.62
N THR B 67 9.54 12.34 19.07
CA THR B 67 10.12 13.66 18.89
C THR B 67 11.21 13.58 17.81
N PHE B 68 11.35 14.64 17.04
CA PHE B 68 12.37 14.74 16.01
C PHE B 68 12.97 16.14 16.03
N ASP B 69 13.95 16.38 15.16
CA ASP B 69 14.63 17.68 15.09
C ASP B 69 13.72 18.72 14.45
N MET B 70 12.98 18.29 13.45
CA MET B 70 11.94 19.11 12.82
C MET B 70 10.76 18.22 12.43
N VAL B 71 9.57 18.80 12.45
CA VAL B 71 8.36 18.11 12.00
C VAL B 71 7.52 19.03 11.13
N PHE B 72 7.30 18.61 9.89
CA PHE B 72 6.51 19.37 8.93
C PHE B 72 5.16 18.71 8.71
N GLY B 73 4.08 19.47 8.93
CA GLY B 73 2.74 19.01 8.66
C GLY B 73 2.51 18.86 7.17
N ALA B 74 1.28 18.54 6.79
CA ALA B 74 0.94 18.38 5.38
C ALA B 74 0.98 19.71 4.63
N SER B 75 0.72 20.80 5.35
CA SER B 75 0.66 22.14 4.76
C SER B 75 2.03 22.69 4.37
N THR B 76 3.09 22.01 4.80
CA THR B 76 4.45 22.44 4.49
C THR B 76 4.70 22.41 2.99
N LYS B 77 5.17 23.54 2.46
CA LYS B 77 5.46 23.69 1.04
C LYS B 77 6.91 23.31 0.73
N GLN B 78 7.22 23.21 -0.55
CA GLN B 78 8.55 22.86 -1.03
C GLN B 78 9.61 23.84 -0.52
N ILE B 79 9.35 25.14 -0.65
CA ILE B 79 10.29 26.19 -0.22
C ILE B 79 10.60 26.14 1.27
N ASP B 80 9.60 25.77 2.08
CA ASP B 80 9.76 25.69 3.52
C ASP B 80 10.69 24.54 3.91
N VAL B 81 10.59 23.43 3.19
CA VAL B 81 11.49 22.29 3.38
C VAL B 81 12.92 22.70 3.05
N TYR B 82 13.08 23.45 1.96
CA TYR B 82 14.40 23.90 1.52
C TYR B 82 15.06 24.81 2.54
N ARG B 83 14.31 25.76 3.08
CA ARG B 83 14.83 26.76 4.01
C ARG B 83 15.18 26.17 5.36
N SER B 84 14.34 25.27 5.85
CA SER B 84 14.52 24.63 7.15
C SER B 84 15.63 23.57 7.12
N VAL B 85 15.60 22.73 6.09
CA VAL B 85 16.51 21.58 6.01
C VAL B 85 17.76 21.87 5.17
N VAL B 86 17.59 22.42 3.97
CA VAL B 86 18.65 22.46 2.97
C VAL B 86 19.63 23.63 3.11
N CYS B 87 19.11 24.84 3.27
CA CYS B 87 19.94 26.04 3.41
C CYS B 87 21.18 25.85 4.31
N PRO B 88 20.97 25.35 5.55
CA PRO B 88 22.12 25.17 6.47
C PRO B 88 23.11 24.15 5.93
N ILE B 89 22.60 23.11 5.28
CA ILE B 89 23.42 22.05 4.71
C ILE B 89 24.19 22.54 3.48
N LEU B 90 23.56 23.37 2.65
CA LEU B 90 24.22 23.93 1.47
C LEU B 90 25.35 24.88 1.86
N ASP B 91 25.18 25.57 3.00
CA ASP B 91 26.21 26.45 3.54
C ASP B 91 27.45 25.64 3.93
N GLU B 92 27.21 24.48 4.54
CA GLU B 92 28.27 23.55 4.93
C GLU B 92 29.02 23.03 3.69
N VAL B 93 28.26 22.56 2.70
CA VAL B 93 28.82 22.09 1.43
C VAL B 93 29.74 23.14 0.80
N ILE B 94 29.27 24.39 0.77
CA ILE B 94 30.00 25.49 0.15
C ILE B 94 31.29 25.84 0.92
N MET B 95 31.32 25.53 2.21
CA MET B 95 32.50 25.71 3.04
C MET B 95 33.52 24.60 2.79
N GLY B 96 33.19 23.71 1.84
CA GLY B 96 34.07 22.64 1.44
C GLY B 96 33.87 21.37 2.23
N TYR B 97 32.61 21.02 2.48
CA TYR B 97 32.28 19.82 3.24
C TYR B 97 31.38 18.86 2.47
N ASN B 98 31.41 17.59 2.87
CA ASN B 98 30.57 16.56 2.29
C ASN B 98 29.30 16.36 3.10
N CYS B 99 28.15 16.59 2.48
CA CYS B 99 26.86 16.44 3.18
C CYS B 99 25.89 15.55 2.42
N THR B 100 25.00 14.90 3.16
CA THR B 100 23.97 14.04 2.58
C THR B 100 22.59 14.43 3.08
N ILE B 101 21.62 14.32 2.18
CA ILE B 101 20.21 14.43 2.54
C ILE B 101 19.47 13.21 1.99
N PHE B 102 18.75 12.52 2.87
CA PHE B 102 17.94 11.36 2.48
C PHE B 102 16.45 11.72 2.45
N ALA B 103 15.72 11.04 1.58
CA ALA B 103 14.27 10.96 1.68
C ALA B 103 13.94 9.50 1.93
N TYR B 104 13.23 9.23 3.02
CA TYR B 104 12.91 7.86 3.42
C TYR B 104 11.43 7.70 3.73
N GLY B 105 10.85 6.60 3.26
CA GLY B 105 9.47 6.29 3.54
C GLY B 105 8.80 5.37 2.52
N GLN B 106 7.57 4.99 2.84
CA GLN B 106 6.72 4.18 1.97
C GLN B 106 6.51 4.84 0.60
N THR B 107 6.39 4.02 -0.44
CA THR B 107 6.03 4.51 -1.76
C THR B 107 4.73 5.31 -1.67
N GLY B 108 4.73 6.51 -2.26
CA GLY B 108 3.56 7.35 -2.30
C GLY B 108 3.48 8.43 -1.24
N THR B 109 4.46 8.47 -0.34
CA THR B 109 4.47 9.45 0.75
C THR B 109 5.21 10.75 0.39
N GLY B 110 5.93 10.73 -0.73
CA GLY B 110 6.54 11.92 -1.29
C GLY B 110 8.04 12.04 -1.15
N LYS B 111 8.74 10.92 -1.16
CA LYS B 111 10.21 10.93 -1.19
C LYS B 111 10.69 11.68 -2.42
N THR B 112 10.13 11.32 -3.57
CA THR B 112 10.47 11.95 -4.84
C THR B 112 9.92 13.37 -4.94
N PHE B 113 8.74 13.60 -4.38
CA PHE B 113 8.15 14.94 -4.36
C PHE B 113 9.09 15.91 -3.63
N THR B 114 9.64 15.43 -2.52
CA THR B 114 10.56 16.21 -1.69
C THR B 114 11.94 16.39 -2.35
N MET B 115 12.50 15.30 -2.86
CA MET B 115 13.86 15.31 -3.39
C MET B 115 13.98 15.90 -4.79
N GLU B 116 12.96 15.71 -5.61
CA GLU B 116 12.97 16.17 -7.00
C GLU B 116 11.98 17.30 -7.21
N GLY B 117 10.78 17.11 -6.68
CA GLY B 117 9.68 18.03 -6.90
C GLY B 117 8.99 17.71 -8.22
N GLU B 118 8.01 18.54 -8.57
CA GLU B 118 7.27 18.38 -9.82
C GLU B 118 7.10 19.74 -10.50
N ARG B 119 6.48 19.72 -11.67
CA ARG B 119 6.19 20.95 -12.40
C ARG B 119 4.71 21.33 -12.22
N SER B 120 4.45 22.64 -12.16
CA SER B 120 3.10 23.14 -11.93
C SER B 120 2.18 22.92 -13.12
N PRO B 121 0.87 22.78 -12.86
CA PRO B 121 -0.07 22.63 -13.98
C PRO B 121 0.29 23.64 -15.09
N ASN B 122 -0.09 23.41 -16.33
CA ASN B 122 0.39 24.26 -17.42
C ASN B 122 1.90 24.52 -17.27
N GLU B 123 2.36 25.66 -17.81
CA GLU B 123 3.71 26.19 -17.61
C GLU B 123 3.65 27.69 -17.29
N GLU B 124 3.23 28.03 -16.07
CA GLU B 124 3.20 29.43 -15.63
C GLU B 124 4.47 29.82 -14.89
N TYR B 125 5.28 28.82 -14.55
CA TYR B 125 6.56 29.04 -13.90
C TYR B 125 7.69 28.42 -14.73
N THR B 126 8.79 29.16 -14.85
CA THR B 126 10.05 28.57 -15.32
C THR B 126 10.47 27.57 -14.25
N TRP B 127 11.39 26.67 -14.58
CA TRP B 127 11.78 25.63 -13.64
C TRP B 127 12.37 26.20 -12.34
N GLU B 128 12.98 27.37 -12.44
CA GLU B 128 13.64 28.04 -11.32
C GLU B 128 12.67 28.63 -10.31
N GLU B 129 11.49 29.02 -10.79
CA GLU B 129 10.51 29.73 -9.97
C GLU B 129 9.34 28.85 -9.55
N ASP B 130 9.30 27.62 -10.09
CA ASP B 130 8.21 26.69 -9.80
C ASP B 130 8.12 26.34 -8.31
N PRO B 131 7.01 26.73 -7.65
CA PRO B 131 6.80 26.41 -6.23
C PRO B 131 6.82 24.92 -5.93
N LEU B 132 6.58 24.10 -6.95
CA LEU B 132 6.50 22.64 -6.78
C LEU B 132 7.86 21.95 -6.89
N ALA B 133 8.87 22.71 -7.27
CA ALA B 133 10.24 22.18 -7.38
C ALA B 133 10.73 21.59 -6.07
N GLY B 134 11.53 20.54 -6.16
CA GLY B 134 12.05 19.85 -4.99
C GLY B 134 13.43 20.31 -4.57
N ILE B 135 14.08 19.52 -3.71
CA ILE B 135 15.38 19.86 -3.14
C ILE B 135 16.51 19.94 -4.18
N ILE B 136 16.52 18.99 -5.12
CA ILE B 136 17.56 18.95 -6.15
C ILE B 136 17.61 20.21 -7.05
N PRO B 137 16.48 20.56 -7.71
CA PRO B 137 16.48 21.72 -8.60
C PRO B 137 16.78 23.01 -7.85
N ARG B 138 16.16 23.14 -6.68
CA ARG B 138 16.34 24.31 -5.82
C ARG B 138 17.80 24.49 -5.41
N THR B 139 18.44 23.39 -5.00
CA THR B 139 19.83 23.40 -4.57
C THR B 139 20.76 23.83 -5.72
N LEU B 140 20.58 23.21 -6.88
CA LEU B 140 21.40 23.51 -8.05
C LEU B 140 21.24 24.96 -8.48
N HIS B 141 20.02 25.48 -8.39
CA HIS B 141 19.75 26.89 -8.66
C HIS B 141 20.53 27.78 -7.69
N GLN B 142 20.46 27.45 -6.41
CA GLN B 142 21.10 28.24 -5.36
C GLN B 142 22.63 28.22 -5.41
N ILE B 143 23.21 27.07 -5.75
CA ILE B 143 24.66 26.95 -5.93
C ILE B 143 25.15 28.02 -6.90
N PHE B 144 24.39 28.23 -7.98
CA PHE B 144 24.74 29.21 -9.00
C PHE B 144 24.46 30.64 -8.53
N GLU B 145 23.32 30.85 -7.86
CA GLU B 145 22.94 32.16 -7.36
C GLU B 145 23.89 32.66 -6.28
N LYS B 146 24.14 31.81 -5.28
CA LYS B 146 25.00 32.16 -4.14
C LYS B 146 26.46 32.38 -4.55
N LEU B 147 27.06 31.38 -5.20
CA LEU B 147 28.46 31.47 -5.60
C LEU B 147 28.72 32.48 -6.73
N THR B 148 27.66 32.83 -7.47
CA THR B 148 27.72 33.92 -8.45
C THR B 148 27.69 35.25 -7.70
N ASP B 149 26.77 35.36 -6.73
CA ASP B 149 26.61 36.58 -5.94
C ASP B 149 27.90 36.99 -5.22
N ASN B 150 28.50 36.07 -4.48
CA ASN B 150 29.67 36.36 -3.65
C ASN B 150 31.00 36.31 -4.41
N GLY B 151 30.91 36.28 -5.75
CA GLY B 151 32.09 36.25 -6.59
C GLY B 151 33.08 35.15 -6.24
N THR B 152 32.69 33.91 -6.48
CA THR B 152 33.56 32.75 -6.33
C THR B 152 33.82 32.16 -7.71
N GLU B 153 35.04 31.66 -7.92
CA GLU B 153 35.36 30.92 -9.12
C GLU B 153 35.04 29.45 -8.85
N PHE B 154 34.00 28.95 -9.50
CA PHE B 154 33.50 27.61 -9.22
C PHE B 154 33.19 26.79 -10.48
N SER B 155 33.01 25.49 -10.27
CA SER B 155 32.57 24.57 -11.30
C SER B 155 31.67 23.52 -10.67
N VAL B 156 30.58 23.19 -11.37
CA VAL B 156 29.59 22.24 -10.87
C VAL B 156 29.49 21.03 -11.77
N LYS B 157 29.76 19.85 -11.19
CA LYS B 157 29.45 18.59 -11.87
C LYS B 157 28.50 17.74 -11.04
N VAL B 158 27.62 17.03 -11.74
CA VAL B 158 26.63 16.16 -11.10
C VAL B 158 26.74 14.75 -11.64
N SER B 159 26.47 13.78 -10.77
CA SER B 159 26.28 12.40 -11.18
C SER B 159 24.95 11.92 -10.65
N LEU B 160 24.37 10.94 -11.34
CA LEU B 160 23.14 10.31 -10.89
C LEU B 160 23.23 8.81 -11.14
N LEU B 161 23.18 8.05 -10.05
CA LEU B 161 23.19 6.60 -10.14
C LEU B 161 22.02 5.95 -9.41
N GLU B 162 21.65 4.77 -9.87
CA GLU B 162 20.54 4.02 -9.30
C GLU B 162 21.05 2.71 -8.71
N ILE B 163 20.73 2.48 -7.44
CA ILE B 163 21.01 1.20 -6.81
C ILE B 163 19.76 0.35 -6.84
N TYR B 164 19.75 -0.63 -7.74
CA TYR B 164 18.67 -1.63 -7.78
C TYR B 164 19.20 -3.01 -7.42
N ASN B 165 18.70 -3.57 -6.32
CA ASN B 165 19.08 -4.89 -5.83
C ASN B 165 20.61 -5.08 -5.80
N GLU B 166 21.29 -4.23 -5.02
CA GLU B 166 22.72 -4.34 -4.78
C GLU B 166 23.55 -4.05 -6.02
N GLU B 167 22.94 -3.40 -7.01
CA GLU B 167 23.63 -3.13 -8.27
C GLU B 167 23.50 -1.67 -8.72
N LEU B 168 24.62 -1.12 -9.17
CA LEU B 168 24.73 0.29 -9.51
C LEU B 168 24.54 0.54 -11.01
N PHE B 169 23.70 1.52 -11.32
CA PHE B 169 23.46 1.93 -12.70
C PHE B 169 23.62 3.43 -12.88
N ASP B 170 24.36 3.81 -13.91
CA ASP B 170 24.61 5.20 -14.27
C ASP B 170 23.45 5.71 -15.13
N LEU B 171 22.88 6.85 -14.73
CA LEU B 171 21.68 7.40 -15.37
C LEU B 171 21.96 8.68 -16.14
N LEU B 172 23.20 9.14 -16.07
CA LEU B 172 23.64 10.33 -16.78
C LEU B 172 24.64 10.05 -17.91
N ASN B 173 25.05 8.79 -18.04
CA ASN B 173 25.88 8.41 -19.17
C ASN B 173 25.12 8.52 -20.50
N PRO B 174 25.72 9.21 -21.49
CA PRO B 174 25.03 9.28 -22.78
C PRO B 174 24.89 7.89 -23.39
N SER B 175 23.72 7.58 -23.93
CA SER B 175 23.32 6.19 -24.09
C SER B 175 24.42 5.25 -24.58
N SER B 176 24.81 4.34 -23.68
CA SER B 176 25.70 3.20 -23.96
C SER B 176 24.92 1.91 -23.69
N ASP B 177 24.63 1.70 -22.40
CA ASP B 177 23.80 0.58 -21.93
C ASP B 177 23.39 0.91 -20.49
N VAL B 178 22.12 1.30 -20.34
CA VAL B 178 21.48 1.49 -19.03
C VAL B 178 21.59 0.19 -18.23
N SER B 179 22.14 -0.84 -18.88
CA SER B 179 22.23 -2.20 -18.33
C SER B 179 23.63 -2.58 -17.87
N GLU B 180 24.58 -1.65 -17.96
CA GLU B 180 25.92 -1.90 -17.45
C GLU B 180 26.01 -1.60 -15.96
N ARG B 181 26.39 -2.60 -15.16
CA ARG B 181 26.56 -2.37 -13.73
C ARG B 181 27.95 -1.86 -13.41
N LEU B 182 27.99 -0.74 -12.70
CA LEU B 182 29.25 -0.08 -12.35
C LEU B 182 30.00 -0.88 -11.28
N GLN B 183 31.31 -0.87 -11.39
CA GLN B 183 32.19 -1.59 -10.47
C GLN B 183 32.68 -0.61 -9.41
N MET B 184 32.87 -1.11 -8.19
CA MET B 184 33.21 -0.25 -7.06
C MET B 184 34.56 -0.63 -6.46
N PHE B 185 35.40 0.38 -6.26
CA PHE B 185 36.74 0.20 -5.70
C PHE B 185 36.97 1.11 -4.51
N ASP B 186 37.81 0.67 -3.59
CA ASP B 186 38.30 1.54 -2.52
C ASP B 186 39.23 2.59 -3.12
N ASP B 187 39.17 3.80 -2.57
CA ASP B 187 39.99 4.91 -3.02
C ASP B 187 41.33 4.90 -2.25
N PRO B 188 42.46 4.78 -2.98
CA PRO B 188 43.75 4.83 -2.29
C PRO B 188 44.02 6.21 -1.67
N ARG B 189 43.50 7.25 -2.32
CA ARG B 189 43.67 8.63 -1.86
C ARG B 189 42.93 8.88 -0.55
N ASN B 190 41.98 7.99 -0.24
CA ASN B 190 41.00 8.21 0.81
C ASN B 190 40.18 6.97 1.15
N LYS B 191 40.47 6.36 2.31
CA LYS B 191 39.54 5.45 2.96
C LYS B 191 38.37 6.31 3.45
N ARG B 192 37.15 5.77 3.34
CA ARG B 192 35.87 6.52 3.44
C ARG B 192 35.40 6.87 2.03
N GLY B 193 36.27 6.63 1.05
CA GLY B 193 36.01 6.92 -0.33
C GLY B 193 36.02 5.71 -1.24
N VAL B 194 35.23 5.79 -2.30
CA VAL B 194 35.21 4.75 -3.32
C VAL B 194 35.35 5.39 -4.70
N ILE B 195 35.84 4.59 -5.64
CA ILE B 195 35.84 4.99 -7.04
C ILE B 195 34.77 4.15 -7.74
N ILE B 196 33.75 4.83 -8.26
CA ILE B 196 32.72 4.17 -9.06
C ILE B 196 33.14 4.28 -10.54
N LYS B 197 33.90 3.28 -10.96
CA LYS B 197 34.54 3.24 -12.27
C LYS B 197 33.56 3.46 -13.42
N GLY B 198 33.84 4.47 -14.24
CA GLY B 198 33.04 4.77 -15.41
C GLY B 198 31.86 5.70 -15.17
N LEU B 199 31.62 6.06 -13.91
CA LEU B 199 30.47 6.90 -13.55
C LEU B 199 30.53 8.29 -14.20
N GLU B 200 29.57 8.55 -15.08
CA GLU B 200 29.46 9.83 -15.76
C GLU B 200 29.31 10.96 -14.75
N GLU B 201 30.09 12.02 -14.94
CA GLU B 201 29.97 13.23 -14.14
C GLU B 201 29.86 14.44 -15.05
N ILE B 202 28.62 14.89 -15.27
CA ILE B 202 28.33 15.99 -16.18
C ILE B 202 28.68 17.33 -15.54
N THR B 203 29.51 18.10 -16.23
CA THR B 203 29.76 19.49 -15.83
C THR B 203 28.54 20.32 -16.21
N VAL B 204 27.94 20.96 -15.21
CA VAL B 204 26.84 21.89 -15.41
C VAL B 204 27.44 23.29 -15.50
N HIS B 205 27.54 23.81 -16.73
CA HIS B 205 28.22 25.09 -16.97
C HIS B 205 27.46 26.31 -16.47
N ASN B 206 26.13 26.23 -16.48
CA ASN B 206 25.27 27.33 -16.04
C ASN B 206 23.86 26.84 -15.70
N LYS B 207 23.09 27.72 -15.05
CA LYS B 207 21.73 27.38 -14.60
C LYS B 207 20.81 26.98 -15.75
N ASP B 208 21.09 27.47 -16.95
CA ASP B 208 20.30 27.18 -18.13
C ASP B 208 20.62 25.80 -18.70
N GLU B 209 21.38 25.01 -17.94
CA GLU B 209 21.89 23.74 -18.41
C GLU B 209 21.43 22.59 -17.51
N VAL B 210 20.95 22.92 -16.31
CA VAL B 210 20.58 21.93 -15.32
C VAL B 210 19.32 21.16 -15.70
N TYR B 211 18.32 21.87 -16.22
CA TYR B 211 17.02 21.25 -16.50
C TYR B 211 17.11 20.11 -17.52
N GLN B 212 17.85 20.33 -18.61
CA GLN B 212 18.10 19.28 -19.61
C GLN B 212 18.72 18.06 -18.95
N ILE B 213 19.72 18.32 -18.10
CA ILE B 213 20.46 17.26 -17.42
C ILE B 213 19.54 16.43 -16.54
N LEU B 214 18.62 17.09 -15.84
CA LEU B 214 17.66 16.40 -14.98
C LEU B 214 16.67 15.58 -15.80
N GLU B 215 16.25 16.13 -16.94
CA GLU B 215 15.36 15.43 -17.87
C GLU B 215 15.98 14.13 -18.39
N LYS B 216 17.21 14.23 -18.89
CA LYS B 216 17.94 13.07 -19.40
C LYS B 216 18.08 11.98 -18.34
N GLY B 217 18.41 12.40 -17.12
CA GLY B 217 18.52 11.48 -16.00
C GLY B 217 17.20 10.76 -15.72
N ALA B 218 16.11 11.52 -15.75
CA ALA B 218 14.78 10.98 -15.50
C ALA B 218 14.34 10.00 -16.59
N ALA B 219 14.61 10.34 -17.85
CA ALA B 219 14.26 9.48 -18.97
C ALA B 219 15.00 8.14 -18.91
N LYS B 220 16.26 8.18 -18.48
CA LYS B 220 17.12 7.00 -18.43
C LYS B 220 16.79 6.08 -17.25
N ARG B 221 16.20 6.64 -16.20
CA ARG B 221 15.68 5.85 -15.08
C ARG B 221 14.41 5.14 -15.52
N THR B 222 13.61 5.84 -16.33
CA THR B 222 12.42 5.27 -16.96
C THR B 222 12.82 4.12 -17.88
N THR B 223 13.87 4.33 -18.67
CA THR B 223 14.42 3.32 -19.56
C THR B 223 14.81 2.06 -18.78
N ALA B 224 15.56 2.27 -17.70
CA ALA B 224 16.09 1.18 -16.88
C ALA B 224 15.00 0.34 -16.23
N ALA B 225 13.92 1.00 -15.80
CA ALA B 225 12.75 0.30 -15.27
C ALA B 225 12.19 -0.65 -16.32
N THR B 226 12.05 -0.13 -17.54
CA THR B 226 11.50 -0.90 -18.66
C THR B 226 12.41 -2.05 -19.10
N LEU B 227 13.69 -1.75 -19.33
CA LEU B 227 14.60 -2.72 -19.92
C LEU B 227 15.16 -3.74 -18.93
N MET B 228 15.36 -3.31 -17.68
CA MET B 228 16.02 -4.14 -16.67
C MET B 228 15.12 -4.51 -15.49
N ASN B 229 13.87 -4.06 -15.55
CA ASN B 229 12.93 -4.23 -14.43
C ASN B 229 13.44 -3.57 -13.16
N ALA B 230 14.29 -2.56 -13.31
CA ALA B 230 14.78 -1.78 -12.17
C ALA B 230 13.78 -0.68 -11.84
N TYR B 231 12.71 -1.07 -11.16
CA TYR B 231 11.61 -0.16 -10.85
C TYR B 231 12.02 0.95 -9.87
N SER B 232 11.74 2.19 -10.28
CA SER B 232 12.18 3.39 -9.56
C SER B 232 11.75 3.43 -8.10
N SER B 233 10.62 2.80 -7.79
CA SER B 233 10.07 2.78 -6.43
C SER B 233 10.70 1.70 -5.55
N ARG B 234 11.39 0.76 -6.18
CA ARG B 234 12.08 -0.31 -5.48
C ARG B 234 13.59 -0.08 -5.42
N SER B 235 14.03 1.07 -5.94
CA SER B 235 15.46 1.38 -6.02
C SER B 235 15.82 2.75 -5.45
N HIS B 236 17.06 2.85 -4.95
CA HIS B 236 17.63 4.11 -4.49
C HIS B 236 18.14 4.92 -5.67
N SER B 237 17.96 6.23 -5.59
CA SER B 237 18.50 7.18 -6.57
C SER B 237 19.42 8.17 -5.87
N VAL B 238 20.70 8.08 -6.18
CA VAL B 238 21.71 8.94 -5.56
C VAL B 238 22.15 10.05 -6.52
N PHE B 239 21.67 11.26 -6.27
CA PHE B 239 22.04 12.42 -7.06
C PHE B 239 23.11 13.24 -6.33
N SER B 240 24.32 13.22 -6.87
CA SER B 240 25.44 13.92 -6.27
C SER B 240 25.82 15.17 -7.06
N VAL B 241 26.05 16.27 -6.34
CA VAL B 241 26.58 17.49 -6.91
C VAL B 241 27.92 17.84 -6.24
N THR B 242 28.94 18.07 -7.05
CA THR B 242 30.28 18.40 -6.56
C THR B 242 30.69 19.79 -7.04
N ILE B 243 31.01 20.66 -6.08
CA ILE B 243 31.38 22.05 -6.37
C ILE B 243 32.85 22.29 -6.06
N HIS B 244 33.61 22.71 -7.07
CA HIS B 244 34.98 23.15 -6.89
C HIS B 244 34.98 24.67 -6.78
N MET B 245 35.59 25.19 -5.72
CA MET B 245 35.52 26.61 -5.40
C MET B 245 36.89 27.23 -5.14
N LYS B 246 37.11 28.41 -5.71
CA LYS B 246 38.30 29.19 -5.43
C LYS B 246 37.88 30.61 -5.07
N GLU B 247 38.22 31.02 -3.85
CA GLU B 247 37.90 32.36 -3.37
C GLU B 247 39.19 33.18 -3.25
N THR B 248 39.24 34.27 -4.02
CA THR B 248 40.42 35.14 -4.08
C THR B 248 40.08 36.56 -3.63
N THR B 249 40.91 37.10 -2.73
CA THR B 249 40.78 38.47 -2.25
C THR B 249 42.16 39.12 -2.24
N ILE B 250 42.21 40.39 -2.65
CA ILE B 250 43.46 41.15 -2.64
C ILE B 250 43.92 41.35 -1.21
N ASP B 251 45.16 40.94 -0.94
CA ASP B 251 45.75 40.99 0.40
C ASP B 251 45.01 40.11 1.40
N GLY B 252 44.24 39.16 0.87
CA GLY B 252 43.59 38.15 1.68
C GLY B 252 44.14 36.78 1.32
N GLU B 253 43.85 35.79 2.14
CA GLU B 253 44.29 34.43 1.87
C GLU B 253 43.30 33.73 0.94
N GLU B 254 43.83 33.01 -0.04
CA GLU B 254 43.04 32.29 -1.03
C GLU B 254 42.46 31.00 -0.44
N LEU B 255 41.23 30.67 -0.83
CA LEU B 255 40.57 29.46 -0.38
C LEU B 255 40.19 28.56 -1.54
N VAL B 256 40.82 27.39 -1.62
CA VAL B 256 40.38 26.35 -2.55
C VAL B 256 39.55 25.33 -1.75
N LYS B 257 38.26 25.29 -2.06
CA LYS B 257 37.33 24.38 -1.40
C LYS B 257 36.77 23.37 -2.38
N ILE B 258 36.39 22.20 -1.87
CA ILE B 258 35.63 21.22 -2.63
C ILE B 258 34.46 20.73 -1.80
N GLY B 259 33.25 21.06 -2.26
CA GLY B 259 32.03 20.66 -1.59
C GLY B 259 31.29 19.58 -2.36
N LYS B 260 30.70 18.65 -1.64
CA LYS B 260 29.88 17.61 -2.24
C LYS B 260 28.57 17.45 -1.48
N LEU B 261 27.48 17.29 -2.22
CA LEU B 261 26.17 17.04 -1.64
C LEU B 261 25.51 15.85 -2.31
N ASN B 262 25.12 14.88 -1.50
CA ASN B 262 24.40 13.71 -1.98
C ASN B 262 22.93 13.84 -1.65
N LEU B 263 22.08 13.78 -2.67
CA LEU B 263 20.65 13.91 -2.48
C LEU B 263 19.99 12.59 -2.85
N VAL B 264 19.62 11.84 -1.82
CA VAL B 264 19.23 10.44 -1.94
C VAL B 264 17.73 10.23 -1.87
N ASP B 265 17.18 9.65 -2.93
CA ASP B 265 15.79 9.23 -2.99
C ASP B 265 15.78 7.72 -2.82
N LEU B 266 15.47 7.28 -1.60
CA LEU B 266 15.58 5.88 -1.23
C LEU B 266 14.45 5.03 -1.82
N ALA B 267 14.66 3.73 -1.84
CA ALA B 267 13.64 2.77 -2.26
C ALA B 267 12.47 2.83 -1.28
N GLY B 268 11.28 2.49 -1.76
CA GLY B 268 10.10 2.39 -0.91
C GLY B 268 10.37 1.52 0.31
N SER B 269 9.88 1.96 1.48
CA SER B 269 10.27 1.39 2.77
C SER B 269 9.23 0.44 3.38
N GLU B 270 8.04 0.34 2.81
CA GLU B 270 7.31 -0.90 2.96
C GLU B 270 8.32 -2.09 2.75
N ASN B 271 9.60 -1.77 2.54
CA ASN B 271 10.66 -2.69 2.19
C ASN B 271 10.35 -3.39 0.87
N GLY B 286 14.46 -7.99 -1.32
CA GLY B 286 15.06 -8.43 -0.07
C GLY B 286 16.40 -7.78 0.22
N ASN B 287 17.02 -7.24 -0.83
CA ASN B 287 18.28 -6.50 -0.72
C ASN B 287 18.06 -5.00 -0.43
N ILE B 288 16.81 -4.54 -0.51
CA ILE B 288 16.41 -3.20 -0.05
C ILE B 288 16.16 -3.21 1.46
N ASN B 289 15.16 -3.98 1.90
CA ASN B 289 14.97 -4.30 3.32
C ASN B 289 16.36 -4.29 3.98
N GLN B 290 17.27 -5.04 3.38
CA GLN B 290 18.70 -5.06 3.73
C GLN B 290 19.43 -3.71 3.69
N SER B 291 19.50 -3.08 2.51
CA SER B 291 20.26 -1.84 2.33
C SER B 291 19.76 -0.72 3.23
N LEU B 292 18.43 -0.64 3.40
CA LEU B 292 17.79 0.35 4.25
C LEU B 292 18.05 0.07 5.73
N LEU B 293 18.12 -1.21 6.09
CA LEU B 293 18.43 -1.61 7.47
C LEU B 293 19.90 -1.33 7.80
N THR B 294 20.79 -1.62 6.86
CA THR B 294 22.19 -1.27 6.98
C THR B 294 22.33 0.24 7.18
N LEU B 295 21.62 1.01 6.34
CA LEU B 295 21.63 2.47 6.45
C LEU B 295 21.22 2.91 7.84
N GLY B 296 20.13 2.33 8.35
CA GLY B 296 19.63 2.63 9.67
C GLY B 296 20.66 2.30 10.75
N ARG B 297 21.33 1.16 10.59
CA ARG B 297 22.35 0.73 11.55
C ARG B 297 23.58 1.64 11.52
N VAL B 298 23.89 2.18 10.34
CA VAL B 298 24.96 3.16 10.20
C VAL B 298 24.60 4.45 10.94
N ILE B 299 23.39 4.96 10.72
CA ILE B 299 22.94 6.21 11.32
C ILE B 299 22.85 6.11 12.84
N THR B 300 22.23 5.04 13.34
CA THR B 300 22.17 4.80 14.78
C THR B 300 23.59 4.82 15.37
N ALA B 301 24.49 4.11 14.71
CA ALA B 301 25.88 4.01 15.15
C ALA B 301 26.60 5.36 15.18
N LEU B 302 26.13 6.29 14.34
CA LEU B 302 26.75 7.61 14.23
C LEU B 302 26.16 8.61 15.23
N VAL B 303 24.94 8.35 15.67
CA VAL B 303 24.28 9.14 16.71
C VAL B 303 24.75 8.65 18.09
N GLU B 304 24.82 7.32 18.24
CA GLU B 304 25.17 6.69 19.50
C GLU B 304 26.69 6.56 19.68
N ARG B 305 27.45 7.23 18.81
CA ARG B 305 28.91 7.16 18.82
C ARG B 305 29.42 5.75 19.18
N THR B 306 28.97 4.75 18.41
CA THR B 306 29.45 3.38 18.58
C THR B 306 30.61 3.07 17.61
N PRO B 307 31.74 2.53 18.13
CA PRO B 307 33.00 2.28 17.41
C PRO B 307 32.88 1.69 16.00
N HIS B 308 32.31 0.50 15.84
CA HIS B 308 32.15 -0.06 14.48
C HIS B 308 30.83 0.27 13.79
N VAL B 309 30.89 1.24 12.88
CA VAL B 309 29.75 1.61 12.02
C VAL B 309 29.84 0.92 10.64
N PRO B 310 28.81 0.11 10.28
CA PRO B 310 28.86 -0.87 9.19
C PRO B 310 28.83 -0.30 7.75
N TYR B 311 29.66 0.69 7.47
CA TYR B 311 29.72 1.29 6.13
C TYR B 311 29.82 0.25 5.01
N ARG B 312 30.67 -0.77 5.23
CA ARG B 312 30.95 -1.79 4.22
C ARG B 312 29.76 -2.66 3.85
N GLU B 313 28.89 -2.90 4.82
CA GLU B 313 27.84 -3.92 4.71
C GLU B 313 26.77 -3.67 3.64
N SER B 314 26.83 -2.51 3.00
CA SER B 314 25.96 -2.20 1.87
C SER B 314 26.62 -1.25 0.87
N LYS B 315 26.18 -1.31 -0.38
CA LYS B 315 26.68 -0.45 -1.44
C LYS B 315 26.31 1.00 -1.16
N LEU B 316 25.05 1.22 -0.76
CA LEU B 316 24.54 2.56 -0.48
C LEU B 316 25.39 3.28 0.57
N THR B 317 25.66 2.61 1.70
CA THR B 317 26.39 3.22 2.80
C THR B 317 27.89 3.30 2.56
N ARG B 318 28.43 2.33 1.82
CA ARG B 318 29.83 2.38 1.40
C ARG B 318 30.04 3.54 0.43
N ILE B 319 29.09 3.70 -0.49
CA ILE B 319 29.09 4.79 -1.48
C ILE B 319 29.05 6.16 -0.79
N LEU B 320 28.37 6.24 0.34
CA LEU B 320 28.13 7.51 1.02
C LEU B 320 29.00 7.71 2.26
N GLN B 321 29.90 6.76 2.51
CA GLN B 321 30.76 6.79 3.70
C GLN B 321 31.55 8.09 3.83
N ASP B 322 31.94 8.68 2.70
CA ASP B 322 32.73 9.92 2.70
C ASP B 322 31.91 11.12 3.17
N SER B 323 30.60 11.04 2.97
CA SER B 323 29.68 12.11 3.36
C SER B 323 28.93 11.79 4.66
N LEU B 324 29.26 10.65 5.26
CA LEU B 324 28.70 10.26 6.54
C LEU B 324 29.80 10.16 7.60
N GLY B 325 31.04 10.06 7.14
CA GLY B 325 32.19 9.94 8.01
C GLY B 325 32.48 11.21 8.81
N GLY B 326 32.19 11.14 10.11
CA GLY B 326 32.52 12.21 11.03
C GLY B 326 31.94 13.59 10.74
N ARG B 327 32.83 14.51 10.39
CA ARG B 327 32.49 15.94 10.29
C ARG B 327 31.72 16.29 9.02
N THR B 328 30.40 16.24 9.11
CA THR B 328 29.51 16.56 8.00
C THR B 328 28.16 17.04 8.55
N ARG B 329 27.23 17.34 7.64
CA ARG B 329 25.82 17.44 8.00
C ARG B 329 25.05 16.38 7.23
N THR B 330 24.36 15.52 7.97
CA THR B 330 23.51 14.48 7.38
C THR B 330 22.07 14.70 7.86
N SER B 331 21.14 14.69 6.90
CA SER B 331 19.73 14.89 7.20
C SER B 331 18.87 13.82 6.56
N ILE B 332 18.00 13.22 7.35
CA ILE B 332 17.05 12.23 6.87
C ILE B 332 15.63 12.79 6.97
N ILE B 333 14.96 12.91 5.83
CA ILE B 333 13.55 13.31 5.80
C ILE B 333 12.68 12.05 5.70
N ALA B 334 12.05 11.70 6.82
CA ALA B 334 11.12 10.57 6.87
C ALA B 334 9.74 11.04 6.47
N THR B 335 9.29 10.60 5.29
CA THR B 335 7.99 10.98 4.75
C THR B 335 6.92 9.98 5.14
N ILE B 336 5.75 10.49 5.50
CA ILE B 336 4.64 9.64 5.98
C ILE B 336 3.29 10.08 5.42
N SER B 337 2.33 9.15 5.44
CA SER B 337 0.95 9.42 5.08
C SER B 337 0.14 9.78 6.33
N PRO B 338 -0.93 10.59 6.17
CA PRO B 338 -1.72 10.95 7.34
C PRO B 338 -2.79 9.91 7.65
N ALA B 339 -3.14 9.10 6.65
CA ALA B 339 -4.34 8.28 6.68
C ALA B 339 -4.19 6.91 7.34
N SER B 340 -5.24 6.48 8.02
CA SER B 340 -5.33 5.18 8.65
C SER B 340 -5.05 4.05 7.65
N LEU B 341 -5.48 4.26 6.42
CA LEU B 341 -5.31 3.28 5.34
C LEU B 341 -3.85 2.85 5.19
N ASN B 342 -2.93 3.77 5.48
CA ASN B 342 -1.50 3.50 5.38
C ASN B 342 -0.80 3.57 6.74
N LEU B 343 -1.52 3.19 7.79
CA LEU B 343 -1.02 3.30 9.17
C LEU B 343 0.21 2.44 9.46
N GLU B 344 0.19 1.17 9.03
CA GLU B 344 1.28 0.24 9.35
C GLU B 344 2.62 0.67 8.76
N GLU B 345 2.58 1.18 7.53
CA GLU B 345 3.78 1.69 6.86
C GLU B 345 4.25 3.03 7.46
N THR B 346 3.31 3.81 7.98
CA THR B 346 3.63 5.07 8.65
C THR B 346 4.36 4.81 9.97
N LEU B 347 3.82 3.89 10.77
CA LEU B 347 4.41 3.51 12.05
C LEU B 347 5.80 2.91 11.86
N SER B 348 5.93 2.06 10.84
CA SER B 348 7.21 1.46 10.44
C SER B 348 8.25 2.52 10.11
N THR B 349 7.83 3.57 9.40
CA THR B 349 8.70 4.67 9.02
C THR B 349 9.14 5.48 10.24
N LEU B 350 8.18 5.74 11.13
CA LEU B 350 8.43 6.54 12.34
C LEU B 350 9.29 5.77 13.35
N GLU B 351 9.11 4.45 13.42
CA GLU B 351 9.95 3.59 14.24
C GLU B 351 11.38 3.55 13.70
N TYR B 352 11.49 3.44 12.38
CA TYR B 352 12.78 3.46 11.70
C TYR B 352 13.51 4.78 11.94
N ALA B 353 12.79 5.88 11.80
CA ALA B 353 13.34 7.21 12.05
C ALA B 353 13.78 7.36 13.49
N HIS B 354 12.92 6.90 14.41
CA HIS B 354 13.17 7.00 15.84
C HIS B 354 14.37 6.18 16.29
N ARG B 355 14.57 5.03 15.66
CA ARG B 355 15.71 4.16 15.97
C ARG B 355 17.01 4.77 15.45
N ALA B 356 16.91 5.47 14.33
CA ALA B 356 18.06 6.13 13.72
C ALA B 356 18.62 7.20 14.65
N LYS B 357 17.78 8.16 15.04
CA LYS B 357 18.12 9.14 16.06
C LYS B 357 17.09 9.09 17.17
N ASN B 358 17.44 8.47 18.28
CA ASN B 358 16.54 8.33 19.41
C ASN B 358 16.49 9.60 20.26
N ILE B 359 15.53 10.47 19.92
CA ILE B 359 15.31 11.70 20.67
C ILE B 359 14.23 11.46 21.71
N LEU B 360 14.49 11.89 22.94
CA LEU B 360 13.60 11.64 24.07
C LEU B 360 12.41 12.59 24.15
N ASN B 361 11.21 12.00 24.18
CA ASN B 361 9.97 12.74 24.39
C ASN B 361 10.11 13.67 25.58
N LYS B 362 9.97 14.98 25.34
CA LYS B 362 10.00 15.96 26.41
C LYS B 362 8.70 15.88 27.20
N PRO B 363 8.69 16.40 28.45
CA PRO B 363 7.43 16.46 29.20
C PRO B 363 6.35 17.16 28.37
N GLU B 364 5.10 16.72 28.50
CA GLU B 364 4.01 17.18 27.65
C GLU B 364 3.32 18.44 28.16
MG MG C . -12.64 -2.99 2.02
PB ADP D . -10.74 -3.45 -0.61
O1B ADP D . -10.06 -2.36 0.19
O2B ADP D . -9.87 -4.65 -0.91
O3B ADP D . -12.15 -3.76 -0.17
PA ADP D . -11.96 -1.45 -2.14
O1A ADP D . -13.38 -1.86 -2.44
O2A ADP D . -11.67 -0.59 -0.94
O3A ADP D . -11.04 -2.78 -2.04
O5' ADP D . -11.33 -0.79 -3.46
C5' ADP D . -10.54 0.39 -3.39
C4' ADP D . -10.71 1.20 -4.68
O4' ADP D . -10.49 0.38 -5.83
C3' ADP D . -12.10 1.77 -4.79
O3' ADP D . -11.98 3.12 -5.25
C2' ADP D . -12.77 0.93 -5.86
O2' ADP D . -13.71 1.72 -6.61
C1' ADP D . -11.61 0.45 -6.71
N9 ADP D . -11.83 -0.89 -7.33
C8 ADP D . -11.59 -2.08 -6.75
N7 ADP D . -11.87 -3.10 -7.59
C5 ADP D . -12.31 -2.57 -8.75
C6 ADP D . -12.78 -3.09 -10.06
N6 ADP D . -12.85 -4.42 -10.31
N1 ADP D . -13.14 -2.18 -11.00
C2 ADP D . -13.08 -0.85 -10.79
N3 ADP D . -12.66 -0.32 -9.61
C4 ADP D . -12.28 -1.10 -8.58
C1 L31 E . -23.40 -3.19 3.52
C2 L31 E . -23.68 -1.84 3.14
C3 L31 E . -23.75 -1.48 1.72
C4 L31 E . -23.54 -2.47 0.73
C5 L31 E . -23.24 -3.89 1.14
C6 L31 E . -23.18 -4.22 2.49
C10 L31 E . -23.32 -3.59 5.00
C14 L31 E . -24.04 -0.14 0.97
C15 L31 E . -23.82 -0.45 -0.50
N16 L31 E . -23.64 -1.86 -0.63
C18 L31 E . -24.74 1.19 1.34
C19 L31 E . -24.84 2.28 0.21
N22 L31 E . -23.96 2.04 -0.97
C25 L31 E . -23.75 0.71 -1.50
C26 L31 E . -24.75 0.44 -2.65
C28 L31 E . -24.38 0.74 -3.96
C29 L31 E . -25.29 0.50 -5.04
C30 L31 E . -26.62 -0.07 -4.77
C31 L31 E . -27.00 -0.37 -3.42
C32 L31 E . -26.11 -0.13 -2.37
O37 L31 E . -24.91 0.79 -6.36
C39 L31 E . -23.03 3.10 -1.41
O40 L31 E . -22.24 2.87 -2.25
C41 L31 E . -23.02 4.47 -0.76
N NO3 F . -11.24 -15.04 14.16
O1 NO3 F . -11.91 -15.61 13.07
O2 NO3 F . -11.13 -13.65 14.25
O3 NO3 F . -10.67 -15.87 15.14
CL CL G . 0.25 -26.46 -11.23
C1 PEG H . -4.19 -6.14 -16.92
O1 PEG H . -5.16 -6.83 -16.17
C2 PEG H . -3.85 -4.81 -16.23
O2 PEG H . -4.75 -3.81 -16.69
C3 PEG H . -5.12 -2.91 -15.66
C4 PEG H . -5.13 -1.48 -16.23
O4 PEG H . -6.04 -0.66 -15.54
N NO3 I . 22.81 -2.11 -1.39
O1 NO3 I . 22.61 -0.72 -1.49
O2 NO3 I . 22.09 -2.97 -2.23
O3 NO3 I . 23.73 -2.61 -0.48
MG MG J . 9.65 7.90 -5.73
PB ADP K . 7.22 8.52 -3.30
O1B ADP K . 6.55 7.49 -4.17
O2B ADP K . 7.37 8.17 -1.84
O3B ADP K . 8.45 9.15 -3.91
PA ADP K . 5.80 10.51 -4.68
O1A ADP K . 6.75 11.67 -4.89
O2A ADP K . 5.63 9.48 -5.77
O3A ADP K . 6.21 9.78 -3.31
O5' ADP K . 4.36 11.07 -4.26
C5' ADP K . 3.16 10.42 -4.70
C4' ADP K . 2.06 11.43 -4.93
O4' ADP K . 1.80 12.19 -3.74
C3' ADP K . 2.44 12.44 -6.01
O3' ADP K . 1.28 12.72 -6.79
C2' ADP K . 2.84 13.68 -5.27
O2' ADP K . 2.52 14.86 -6.02
C1' ADP K . 2.03 13.59 -3.97
N9 ADP K . 2.74 14.16 -2.80
C8 ADP K . 3.71 13.56 -2.08
N7 ADP K . 4.13 14.36 -1.06
C5 ADP K . 3.41 15.50 -1.12
C6 ADP K . 3.34 16.77 -0.36
N6 ADP K . 4.13 16.99 0.71
N1 ADP K . 2.43 17.69 -0.76
C2 ADP K . 1.62 17.50 -1.81
N3 ADP K . 1.64 16.37 -2.56
C4 ADP K . 2.49 15.36 -2.26
C1 L31 L . 16.38 14.18 -11.39
C2 L31 L . 15.45 14.66 -12.36
C3 L31 L . 14.46 15.68 -11.99
C4 L31 L . 14.45 16.18 -10.67
C5 L31 L . 15.42 15.68 -9.65
C6 L31 L . 16.36 14.71 -10.01
C10 L31 L . 17.41 13.11 -11.76
C14 L31 L . 13.34 16.41 -12.79
C15 L31 L . 12.61 17.28 -11.76
N16 L31 L . 13.35 17.21 -10.53
C18 L31 L . 12.94 16.57 -14.27
C19 L31 L . 11.82 17.61 -14.61
N22 L31 L . 10.86 17.84 -13.51
C25 L31 L . 11.33 18.02 -12.15
C26 L31 L . 11.50 19.52 -11.85
C28 L31 L . 10.47 20.22 -11.24
C29 L31 L . 10.63 21.62 -10.95
C30 L31 L . 11.88 22.31 -11.27
C31 L31 L . 12.95 21.58 -11.89
C32 L31 L . 12.81 20.23 -12.19
O37 L31 L . 9.57 22.33 -10.34
C39 L31 L . 9.44 17.47 -13.69
O40 L31 L . 8.72 17.42 -12.76
C41 L31 L . 8.88 17.06 -15.03
#